data_6IHE
#
_entry.id   6IHE
#
_cell.length_a   134.194
_cell.length_b   134.194
_cell.length_c   81.940
_cell.angle_alpha   90.000
_cell.angle_beta   90.000
_cell.angle_gamma   120.000
#
_symmetry.space_group_name_H-M   'P 31 2 1'
#
loop_
_entity.id
_entity.type
_entity.pdbx_description
1 polymer 'Malate dehydrogenase (NAD)'
2 non-polymer NICOTINAMIDE-ADENINE-DINUCLEOTIDE
3 non-polymer D-MALATE
4 non-polymer GLYCEROL
5 non-polymer 'TRIETHYLENE GLYCOL'
6 non-polymer 1,2-ETHANEDIOL
7 non-polymer 'TETRAETHYLENE GLYCOL'
8 non-polymer DI(HYDROXYETHYL)ETHER
9 water water
#
_entity_poly.entity_id   1
_entity_poly.type   'polypeptide(L)'
_entity_poly.pdbx_seq_one_letter_code
;AKVGFIGAGKIGQTIAYSALVSGAVDEAVIYDIIPELPDKFEHELRHAFATKGIKANVLGTNSLDDVSGMDIVVISAGKP
RKPGMSRRDLFVDNAKIMIDLAQKLPSKNPGAIYLMVANPVDMMASVFMKYSKQFTISAGDQVETMRMRSFIAKKLKIPV
TSVDGFVGGEHGEDAVVLWSTVKIKGKPVDEFNINKDEVSDYVKKIPGEIIRVIGGTTWGPGTIIADIIKSIAFSENRVM
SIATPKEYEKEIIHVSAPTVVGSSIGPSLESLLDEKDRWHLNSAMKDFYEAYKENLKQLEQAT
;
_entity_poly.pdbx_strand_id   A,B
#
loop_
_chem_comp.id
_chem_comp.type
_chem_comp.name
_chem_comp.formula
EDO non-polymer 1,2-ETHANEDIOL 'C2 H6 O2'
GOL non-polymer GLYCEROL 'C3 H8 O3'
MLT non-polymer D-MALATE 'C4 H6 O5'
NAD non-polymer NICOTINAMIDE-ADENINE-DINUCLEOTIDE 'C21 H27 N7 O14 P2'
PEG non-polymer DI(HYDROXYETHYL)ETHER 'C4 H10 O3'
PG4 non-polymer 'TETRAETHYLENE GLYCOL' 'C8 H18 O5'
PGE non-polymer 'TRIETHYLENE GLYCOL' 'C6 H14 O4'
#
# COMPACT_ATOMS: atom_id res chain seq x y z
N ALA A 1 13.29 8.07 -6.43
CA ALA A 1 14.54 7.31 -5.99
C ALA A 1 15.58 7.16 -7.11
N LYS A 2 16.80 6.93 -6.69
CA LYS A 2 17.85 6.54 -7.63
C LYS A 2 17.96 5.05 -7.64
N VAL A 3 17.83 4.48 -8.81
CA VAL A 3 17.78 3.06 -8.89
C VAL A 3 18.75 2.50 -9.91
N GLY A 4 19.54 1.54 -9.44
CA GLY A 4 20.43 0.78 -10.26
C GLY A 4 19.82 -0.52 -10.71
N PHE A 5 19.96 -0.80 -12.01
CA PHE A 5 19.56 -2.07 -12.64
C PHE A 5 20.78 -2.86 -13.04
N ILE A 6 21.06 -3.97 -12.33
CA ILE A 6 22.08 -4.93 -12.72
C ILE A 6 21.41 -6.01 -13.56
N GLY A 7 21.50 -5.90 -14.87
CA GLY A 7 20.89 -6.83 -15.81
C GLY A 7 19.91 -6.05 -16.66
N ALA A 8 20.12 -6.06 -17.99
CA ALA A 8 19.23 -5.43 -18.96
C ALA A 8 18.82 -6.37 -20.04
N GLY A 9 18.51 -7.58 -19.63
CA GLY A 9 17.82 -8.53 -20.47
C GLY A 9 16.29 -8.22 -20.51
N LYS A 10 15.48 -9.20 -20.91
CA LYS A 10 14.01 -9.03 -20.99
C LYS A 10 13.38 -8.53 -19.70
N ILE A 11 13.63 -9.17 -18.58
CA ILE A 11 12.98 -8.75 -17.38
C ILE A 11 13.56 -7.44 -16.84
N GLY A 12 14.88 -7.25 -16.91
CA GLY A 12 15.48 -5.99 -16.44
C GLY A 12 14.96 -4.80 -17.24
N GLN A 13 14.86 -4.91 -18.54
CA GLN A 13 14.33 -3.79 -19.33
C GLN A 13 12.86 -3.48 -18.98
N THR A 14 12.04 -4.55 -18.82
CA THR A 14 10.63 -4.40 -18.51
C THR A 14 10.48 -3.76 -17.17
N ILE A 15 11.22 -4.23 -16.18
CA ILE A 15 11.12 -3.57 -14.94
C ILE A 15 11.56 -2.12 -14.94
N ALA A 16 12.72 -1.83 -15.56
CA ALA A 16 13.21 -0.49 -15.62
C ALA A 16 12.23 0.42 -16.36
N TYR A 17 11.77 -0.01 -17.52
CA TYR A 17 10.81 0.80 -18.27
C TYR A 17 9.55 1.11 -17.50
N SER A 18 9.00 0.07 -16.86
CA SER A 18 7.77 0.21 -16.15
C SER A 18 7.95 1.15 -14.93
N ALA A 19 9.00 0.90 -14.14
CA ALA A 19 9.37 1.78 -13.03
C ALA A 19 9.63 3.25 -13.45
N LEU A 20 10.23 3.43 -14.63
CA LEU A 20 10.52 4.76 -15.14
C LEU A 20 9.27 5.45 -15.58
N VAL A 21 8.44 4.82 -16.40
CA VAL A 21 7.24 5.49 -16.81
C VAL A 21 6.25 5.71 -15.67
N SER A 22 6.33 4.94 -14.61
CA SER A 22 5.42 5.12 -13.49
C SER A 22 5.80 6.38 -12.70
N GLY A 23 7.00 6.88 -12.92
CA GLY A 23 7.44 8.08 -12.28
C GLY A 23 8.11 7.89 -10.95
N ALA A 24 8.33 6.66 -10.59
CA ALA A 24 8.94 6.33 -9.31
C ALA A 24 10.47 6.45 -9.35
N VAL A 25 11.06 6.52 -10.53
CA VAL A 25 12.56 6.54 -10.63
C VAL A 25 13.02 7.92 -11.14
N ASP A 26 13.72 8.66 -10.30
CA ASP A 26 14.26 9.98 -10.67
C ASP A 26 15.55 9.88 -11.53
N GLU A 27 16.33 8.85 -11.22
CA GLU A 27 17.59 8.55 -11.89
C GLU A 27 17.82 7.08 -11.89
N ALA A 28 18.14 6.56 -13.06
CA ALA A 28 18.44 5.18 -13.22
C ALA A 28 19.81 5.02 -13.90
N VAL A 29 20.52 4.01 -13.44
CA VAL A 29 21.73 3.54 -14.04
C VAL A 29 21.53 2.05 -14.36
N ILE A 30 21.56 1.72 -15.64
CA ILE A 30 21.35 0.40 -16.14
C ILE A 30 22.59 -0.29 -16.72
N TYR A 31 23.05 -1.31 -16.04
CA TYR A 31 24.20 -2.06 -16.42
C TYR A 31 23.90 -3.46 -16.98
N ASP A 32 24.73 -3.94 -17.88
CA ASP A 32 24.67 -5.29 -18.41
C ASP A 32 26.06 -5.69 -18.89
N ILE A 33 26.39 -6.97 -18.79
CA ILE A 33 27.65 -7.48 -19.23
C ILE A 33 27.71 -7.59 -20.72
N ILE A 34 26.58 -7.63 -21.38
CA ILE A 34 26.55 -7.70 -22.85
C ILE A 34 26.95 -6.41 -23.47
N PRO A 35 27.92 -6.46 -24.41
CA PRO A 35 28.41 -5.19 -24.95
C PRO A 35 27.29 -4.42 -25.72
N GLU A 36 27.21 -3.13 -25.48
CA GLU A 36 26.31 -2.19 -26.10
C GLU A 36 24.81 -2.24 -25.81
N LEU A 37 24.36 -3.28 -25.14
CA LEU A 37 22.95 -3.61 -24.91
C LEU A 37 22.35 -2.48 -24.04
N PRO A 38 22.94 -2.21 -22.88
CA PRO A 38 22.46 -1.15 -22.00
C PRO A 38 22.44 0.20 -22.67
N ASP A 39 23.47 0.47 -23.44
CA ASP A 39 23.58 1.69 -24.15
C ASP A 39 22.41 1.86 -25.11
N LYS A 40 22.15 0.87 -25.92
CA LYS A 40 21.06 0.95 -26.88
C LYS A 40 19.70 1.04 -26.14
N PHE A 41 19.56 0.35 -25.04
CA PHE A 41 18.34 0.48 -24.18
C PHE A 41 18.11 1.89 -23.68
N GLU A 42 19.21 2.57 -23.34
CA GLU A 42 19.13 3.96 -22.91
C GLU A 42 18.59 4.83 -23.99
N HIS A 43 18.99 4.55 -25.19
CA HIS A 43 18.45 5.34 -26.31
C HIS A 43 16.93 5.12 -26.49
N GLU A 44 16.54 3.85 -26.43
CA GLU A 44 15.15 3.47 -26.42
C GLU A 44 14.39 4.23 -25.38
N LEU A 45 14.88 4.28 -24.15
CA LEU A 45 14.24 5.05 -23.14
C LEU A 45 14.10 6.54 -23.43
N ARG A 46 15.16 7.17 -23.93
CA ARG A 46 15.12 8.60 -24.23
C ARG A 46 14.07 8.88 -25.26
N HIS A 47 13.97 8.00 -26.23
CA HIS A 47 13.00 8.20 -27.34
C HIS A 47 11.55 8.13 -26.77
N ALA A 48 11.33 7.18 -25.87
CA ALA A 48 10.06 7.02 -25.21
C ALA A 48 9.78 8.17 -24.33
N PHE A 49 10.77 8.60 -23.55
CA PHE A 49 10.61 9.77 -22.69
C PHE A 49 10.17 11.02 -23.45
N ALA A 50 10.67 11.19 -24.65
CA ALA A 50 10.35 12.46 -25.37
C ALA A 50 8.83 12.64 -25.55
N THR A 51 8.12 11.53 -25.82
CA THR A 51 6.65 11.62 -26.06
C THR A 51 5.84 11.89 -24.81
N LYS A 52 6.37 11.45 -23.66
CA LYS A 52 5.74 11.56 -22.37
C LYS A 52 6.16 12.82 -21.61
N GLY A 53 7.27 13.47 -22.00
CA GLY A 53 7.78 14.62 -21.22
C GLY A 53 8.49 14.14 -19.98
N ILE A 54 9.03 12.95 -20.03
CA ILE A 54 9.77 12.40 -18.85
C ILE A 54 11.22 12.92 -18.90
N LYS A 55 11.69 13.45 -17.77
CA LYS A 55 13.00 14.10 -17.59
C LYS A 55 13.92 13.30 -16.66
N ALA A 56 13.50 12.14 -16.20
CA ALA A 56 14.35 11.26 -15.43
C ALA A 56 15.72 11.11 -16.10
N ASN A 57 16.78 11.19 -15.31
CA ASN A 57 18.17 10.93 -15.80
C ASN A 57 18.32 9.46 -15.99
N VAL A 58 18.78 9.05 -17.15
CA VAL A 58 19.02 7.64 -17.42
C VAL A 58 20.39 7.43 -18.04
N LEU A 59 21.11 6.47 -17.53
CA LEU A 59 22.40 6.10 -18.09
C LEU A 59 22.39 4.59 -18.33
N GLY A 60 22.60 4.17 -19.55
CA GLY A 60 22.74 2.78 -19.91
C GLY A 60 24.24 2.60 -20.05
N THR A 61 24.85 1.63 -19.41
CA THR A 61 26.29 1.47 -19.43
C THR A 61 26.86 0.06 -19.27
N ASN A 62 28.04 -0.17 -19.81
CA ASN A 62 28.77 -1.41 -19.69
C ASN A 62 29.78 -1.30 -18.54
N SER A 63 29.85 -0.15 -17.91
CA SER A 63 30.76 0.06 -16.80
C SER A 63 30.06 -0.07 -15.47
N LEU A 64 30.36 -1.13 -14.77
CA LEU A 64 29.73 -1.44 -13.51
C LEU A 64 29.96 -0.34 -12.48
N ASP A 65 31.08 0.35 -12.57
CA ASP A 65 31.37 1.41 -11.62
C ASP A 65 30.40 2.53 -11.71
N ASP A 66 29.71 2.69 -12.84
CA ASP A 66 28.68 3.73 -12.89
C ASP A 66 27.49 3.51 -11.91
N VAL A 67 27.28 2.28 -11.44
CA VAL A 67 26.26 1.97 -10.51
C VAL A 67 26.77 2.33 -9.13
N SER A 68 26.57 3.59 -8.80
CA SER A 68 27.05 4.20 -7.52
C SER A 68 26.07 5.15 -6.93
N GLY A 69 26.02 5.19 -5.60
CA GLY A 69 25.13 6.09 -4.87
C GLY A 69 23.62 5.85 -5.12
N MET A 70 23.25 4.61 -5.46
CA MET A 70 21.83 4.26 -5.70
C MET A 70 21.09 4.06 -4.36
N ASP A 71 19.81 4.34 -4.37
CA ASP A 71 18.91 3.98 -3.22
C ASP A 71 18.52 2.52 -3.23
N ILE A 72 18.28 2.02 -4.42
CA ILE A 72 17.84 0.66 -4.60
C ILE A 72 18.63 0.07 -5.76
N VAL A 73 19.02 -1.19 -5.63
CA VAL A 73 19.75 -1.91 -6.66
C VAL A 73 19.00 -3.17 -6.97
N VAL A 74 18.55 -3.26 -8.22
CA VAL A 74 17.71 -4.33 -8.71
C VAL A 74 18.51 -5.31 -9.56
N ILE A 75 18.65 -6.53 -9.06
CA ILE A 75 19.48 -7.52 -9.71
C ILE A 75 18.68 -8.60 -10.46
N SER A 76 18.65 -8.48 -11.78
CA SER A 76 18.08 -9.48 -12.68
C SER A 76 19.12 -10.23 -13.53
N ALA A 77 20.41 -9.95 -13.33
CA ALA A 77 21.46 -10.64 -14.07
C ALA A 77 21.46 -12.12 -13.71
N GLY A 78 21.19 -12.95 -14.70
CA GLY A 78 21.30 -14.41 -14.50
C GLY A 78 20.73 -15.22 -15.65
N LYS A 79 21.06 -16.51 -15.65
CA LYS A 79 20.49 -17.44 -16.63
C LYS A 79 18.96 -17.59 -16.31
N PRO A 80 18.11 -17.56 -17.30
CA PRO A 80 16.68 -17.77 -17.09
C PRO A 80 16.38 -19.23 -17.37
N ARG A 81 15.16 -19.63 -17.11
CA ARG A 81 14.69 -20.98 -17.33
C ARG A 81 14.40 -21.32 -18.78
N LYS A 82 14.59 -22.58 -19.10
CA LYS A 82 14.29 -23.09 -20.40
C LYS A 82 13.19 -24.05 -20.07
N PRO A 83 12.30 -24.32 -21.09
CA PRO A 83 11.24 -25.26 -20.74
C PRO A 83 11.82 -26.55 -20.18
N GLY A 84 11.20 -27.09 -19.15
CA GLY A 84 11.67 -28.32 -18.58
C GLY A 84 12.52 -28.19 -17.34
N MET A 85 12.95 -26.98 -17.04
CA MET A 85 13.75 -26.78 -15.88
C MET A 85 12.97 -26.22 -14.73
N SER A 86 13.42 -26.49 -13.53
CA SER A 86 12.83 -25.90 -12.39
C SER A 86 13.63 -24.62 -12.18
N ARG A 87 13.20 -23.77 -11.27
CA ARG A 87 13.92 -22.54 -11.01
C ARG A 87 15.18 -22.81 -10.23
N ARG A 88 15.11 -23.78 -9.32
CA ARG A 88 16.23 -24.12 -8.49
C ARG A 88 17.40 -24.78 -9.18
N ASP A 89 17.19 -25.20 -10.42
CA ASP A 89 18.20 -25.80 -11.26
C ASP A 89 19.30 -24.76 -11.56
N LEU A 90 18.93 -23.50 -11.61
CA LEU A 90 19.82 -22.40 -11.91
C LEU A 90 20.76 -22.03 -10.74
N PHE A 91 20.62 -22.66 -9.56
CA PHE A 91 21.29 -22.16 -8.37
C PHE A 91 22.80 -21.97 -8.54
N VAL A 92 23.43 -23.01 -9.07
CA VAL A 92 24.89 -23.04 -9.11
C VAL A 92 25.36 -21.99 -10.15
N ASP A 93 24.81 -22.00 -11.36
CA ASP A 93 25.14 -20.91 -12.32
C ASP A 93 25.02 -19.45 -11.76
N ASN A 94 23.83 -19.11 -11.27
CA ASN A 94 23.56 -17.76 -10.86
C ASN A 94 24.13 -17.36 -9.52
N ALA A 95 24.38 -18.33 -8.64
CA ALA A 95 25.04 -17.98 -7.37
C ALA A 95 26.46 -17.42 -7.58
N LYS A 96 27.17 -17.91 -8.59
CA LYS A 96 28.51 -17.42 -8.90
C LYS A 96 28.39 -15.95 -9.29
N ILE A 97 27.41 -15.61 -10.12
CA ILE A 97 27.12 -14.23 -10.42
C ILE A 97 26.91 -13.42 -9.13
N MET A 98 26.07 -13.91 -8.24
CA MET A 98 25.78 -13.13 -7.06
C MET A 98 27.02 -12.96 -6.21
N ILE A 99 27.85 -13.99 -6.17
CA ILE A 99 29.07 -13.90 -5.34
C ILE A 99 30.02 -12.82 -5.87
N ASP A 100 30.14 -12.79 -7.18
CA ASP A 100 30.94 -11.78 -7.85
C ASP A 100 30.38 -10.39 -7.59
N LEU A 101 29.06 -10.22 -7.85
CA LEU A 101 28.42 -8.91 -7.64
C LEU A 101 28.53 -8.49 -6.18
N ALA A 102 28.45 -9.44 -5.26
CA ALA A 102 28.59 -9.08 -3.85
C ALA A 102 29.93 -8.47 -3.49
N GLN A 103 30.99 -8.77 -4.26
CA GLN A 103 32.33 -8.19 -4.03
C GLN A 103 32.35 -6.79 -4.56
N LYS A 104 31.70 -6.58 -5.67
CA LYS A 104 31.75 -5.34 -6.36
C LYS A 104 30.82 -4.16 -6.10
N LEU A 105 29.56 -4.41 -5.79
CA LEU A 105 28.59 -3.35 -5.62
C LEU A 105 28.55 -2.56 -4.33
N PRO A 106 28.69 -3.22 -3.23
CA PRO A 106 28.56 -2.57 -1.94
C PRO A 106 29.33 -1.29 -1.69
N SER A 107 30.60 -1.28 -2.02
CA SER A 107 31.43 -0.11 -1.73
C SER A 107 30.95 1.06 -2.54
N LYS A 108 30.34 0.83 -3.70
CA LYS A 108 29.75 1.96 -4.48
C LYS A 108 28.32 2.42 -4.10
N ASN A 109 27.61 1.60 -3.32
CA ASN A 109 26.17 1.87 -3.01
C ASN A 109 25.89 1.60 -1.57
N PRO A 110 26.61 2.28 -0.67
CA PRO A 110 26.51 1.95 0.75
C PRO A 110 25.10 2.29 1.32
N GLY A 111 24.57 1.37 2.12
CA GLY A 111 23.21 1.46 2.66
C GLY A 111 22.06 1.27 1.66
N ALA A 112 22.33 0.83 0.44
CA ALA A 112 21.26 0.57 -0.53
C ALA A 112 20.44 -0.62 -0.14
N ILE A 113 19.20 -0.63 -0.65
CA ILE A 113 18.34 -1.77 -0.62
C ILE A 113 18.58 -2.54 -1.88
N TYR A 114 18.90 -3.81 -1.75
CA TYR A 114 19.07 -4.65 -2.89
C TYR A 114 17.81 -5.49 -3.08
N LEU A 115 17.31 -5.52 -4.33
CA LEU A 115 16.11 -6.21 -4.72
C LEU A 115 16.45 -7.31 -5.70
N MET A 116 16.39 -8.57 -5.27
CA MET A 116 16.72 -9.71 -6.09
C MET A 116 15.56 -10.12 -7.00
N VAL A 117 15.88 -10.31 -8.25
CA VAL A 117 14.94 -10.72 -9.24
C VAL A 117 15.38 -12.03 -9.90
N ALA A 118 16.69 -12.20 -10.11
CA ALA A 118 17.24 -13.39 -10.71
C ALA A 118 16.93 -14.68 -9.97
N ASN A 119 16.61 -15.75 -10.68
CA ASN A 119 16.26 -17.03 -10.05
C ASN A 119 17.46 -17.96 -9.72
N PRO A 120 17.28 -18.88 -8.78
CA PRO A 120 16.06 -19.05 -7.98
C PRO A 120 16.00 -17.90 -7.01
N VAL A 121 15.07 -17.01 -7.22
CA VAL A 121 14.99 -15.79 -6.46
C VAL A 121 15.24 -15.69 -4.97
N ASP A 122 14.61 -16.52 -4.17
CA ASP A 122 14.81 -16.44 -2.73
C ASP A 122 16.23 -16.84 -2.32
N MET A 123 16.70 -17.90 -2.92
CA MET A 123 18.05 -18.43 -2.76
C MET A 123 19.14 -17.42 -3.19
N MET A 124 18.93 -16.82 -4.36
CA MET A 124 19.80 -15.77 -4.82
C MET A 124 19.89 -14.63 -3.85
N ALA A 125 18.77 -14.27 -3.22
CA ALA A 125 18.75 -13.17 -2.27
C ALA A 125 19.54 -13.56 -1.05
N SER A 126 19.39 -14.79 -0.60
CA SER A 126 20.15 -15.26 0.59
C SER A 126 21.68 -15.27 0.30
N VAL A 127 22.06 -15.86 -0.83
CA VAL A 127 23.46 -15.88 -1.27
C VAL A 127 24.03 -14.49 -1.37
N PHE A 128 23.35 -13.58 -2.09
CA PHE A 128 23.83 -12.23 -2.22
C PHE A 128 24.01 -11.53 -0.88
N MET A 129 23.10 -11.78 0.04
CA MET A 129 23.17 -11.05 1.28
C MET A 129 24.33 -11.62 2.13
N LYS A 130 24.47 -12.93 2.06
CA LYS A 130 25.52 -13.63 2.82
C LYS A 130 26.87 -13.06 2.41
N TYR A 131 27.10 -12.98 1.13
CA TYR A 131 28.36 -12.48 0.65
C TYR A 131 28.57 -10.99 0.70
N SER A 132 27.53 -10.21 0.50
CA SER A 132 27.67 -8.78 0.49
C SER A 132 27.48 -8.12 1.82
N LYS A 133 26.81 -8.78 2.75
CA LYS A 133 26.52 -8.20 4.03
C LYS A 133 25.57 -7.00 3.87
N GLN A 134 24.90 -6.89 2.73
CA GLN A 134 23.99 -5.78 2.51
C GLN A 134 22.51 -6.22 2.58
N PHE A 135 21.66 -5.36 3.12
CA PHE A 135 20.22 -5.64 3.21
C PHE A 135 19.65 -5.95 1.81
N THR A 136 19.12 -7.16 1.68
CA THR A 136 18.62 -7.68 0.44
C THR A 136 17.21 -8.27 0.61
N ILE A 137 16.32 -7.98 -0.33
CA ILE A 137 14.97 -8.52 -0.39
C ILE A 137 14.82 -9.21 -1.73
N SER A 138 13.83 -10.07 -1.84
CA SER A 138 13.54 -10.80 -3.05
C SER A 138 12.11 -10.45 -3.51
N ALA A 139 11.89 -10.37 -4.82
CA ALA A 139 10.56 -10.18 -5.32
C ALA A 139 9.63 -11.29 -4.72
N GLY A 140 10.19 -12.45 -4.39
CA GLY A 140 9.45 -13.52 -3.74
C GLY A 140 8.16 -13.98 -4.42
N ASP A 141 7.13 -14.10 -3.60
CA ASP A 141 5.80 -14.55 -4.05
C ASP A 141 4.85 -13.42 -4.38
N GLN A 142 5.36 -12.20 -4.56
CA GLN A 142 4.49 -11.10 -5.01
C GLN A 142 3.90 -11.31 -6.42
N VAL A 143 4.68 -11.91 -7.27
CA VAL A 143 4.25 -12.20 -8.65
C VAL A 143 3.11 -13.25 -8.61
N GLU A 144 3.33 -14.28 -7.80
CA GLU A 144 2.38 -15.40 -7.55
C GLU A 144 1.10 -14.83 -7.01
N THR A 145 1.25 -13.92 -6.04
CA THR A 145 0.16 -13.22 -5.42
C THR A 145 -0.78 -12.58 -6.49
N MET A 146 -0.19 -11.91 -7.44
CA MET A 146 -1.00 -11.23 -8.46
C MET A 146 -1.57 -12.16 -9.47
N ARG A 147 -0.85 -13.22 -9.77
CA ARG A 147 -1.37 -14.23 -10.63
C ARG A 147 -2.66 -14.91 -10.06
N MET A 148 -2.62 -15.19 -8.77
CA MET A 148 -3.73 -15.72 -7.99
C MET A 148 -4.97 -14.79 -8.04
N ARG A 149 -4.75 -13.50 -7.80
CA ARG A 149 -5.85 -12.57 -7.79
C ARG A 149 -6.50 -12.51 -9.16
N SER A 150 -5.67 -12.42 -10.18
CA SER A 150 -6.20 -12.28 -11.53
C SER A 150 -6.95 -13.54 -12.04
N PHE A 151 -6.49 -14.71 -11.61
CA PHE A 151 -7.14 -15.98 -11.98
C PHE A 151 -8.53 -16.09 -11.34
N ILE A 152 -8.59 -15.81 -10.08
CA ILE A 152 -9.81 -15.84 -9.34
C ILE A 152 -10.78 -14.86 -9.94
N ALA A 153 -10.31 -13.66 -10.33
CA ALA A 153 -11.22 -12.65 -10.90
C ALA A 153 -11.75 -13.09 -12.27
N LYS A 154 -10.87 -13.60 -13.12
CA LYS A 154 -11.24 -14.19 -14.40
C LYS A 154 -12.28 -15.35 -14.26
N LYS A 155 -12.04 -16.24 -13.33
CA LYS A 155 -12.90 -17.36 -13.01
C LYS A 155 -14.29 -16.92 -12.56
N LEU A 156 -14.41 -15.90 -11.71
CA LEU A 156 -15.72 -15.45 -11.23
C LEU A 156 -16.31 -14.39 -12.08
N LYS A 157 -15.65 -14.05 -13.18
CA LYS A 157 -15.92 -12.89 -14.02
C LYS A 157 -16.26 -11.61 -13.27
N ILE A 158 -15.39 -11.27 -12.31
CA ILE A 158 -15.41 -10.05 -11.51
C ILE A 158 -14.14 -9.25 -11.82
N PRO A 159 -14.18 -7.94 -11.58
CA PRO A 159 -12.95 -7.13 -11.69
C PRO A 159 -11.88 -7.61 -10.70
N VAL A 160 -10.63 -7.62 -11.10
CA VAL A 160 -9.53 -8.09 -10.21
C VAL A 160 -9.44 -7.27 -8.94
N THR A 161 -9.89 -6.02 -9.05
CA THR A 161 -9.99 -5.12 -7.91
C THR A 161 -10.93 -5.58 -6.74
N SER A 162 -11.76 -6.58 -7.02
CA SER A 162 -12.62 -7.20 -5.99
C SER A 162 -11.95 -8.27 -5.20
N VAL A 163 -10.77 -8.68 -5.64
CA VAL A 163 -10.04 -9.78 -5.03
C VAL A 163 -8.88 -9.23 -4.23
N ASP A 164 -8.69 -9.78 -3.05
CA ASP A 164 -7.61 -9.44 -2.14
C ASP A 164 -6.94 -10.75 -1.68
N GLY A 165 -5.71 -10.68 -1.22
CA GLY A 165 -5.00 -11.86 -0.76
C GLY A 165 -3.59 -12.05 -1.25
N PHE A 166 -2.92 -13.01 -0.67
CA PHE A 166 -1.54 -13.29 -0.94
C PHE A 166 -1.09 -14.75 -1.05
N VAL A 167 -0.02 -14.98 -1.77
CA VAL A 167 0.68 -16.23 -1.91
C VAL A 167 1.97 -15.99 -1.14
N GLY A 168 2.51 -17.03 -0.53
CA GLY A 168 3.63 -16.90 0.42
C GLY A 168 4.41 -18.21 0.59
N GLY A 169 5.40 -18.16 1.47
CA GLY A 169 6.30 -19.28 1.71
C GLY A 169 7.50 -19.29 0.74
N GLU A 170 7.87 -20.49 0.32
CA GLU A 170 8.95 -20.71 -0.61
C GLU A 170 8.52 -20.16 -1.94
N HIS A 171 9.44 -20.02 -2.85
CA HIS A 171 9.15 -19.42 -4.14
C HIS A 171 8.53 -20.34 -5.17
N GLY A 172 7.88 -19.75 -6.15
CA GLY A 172 7.31 -20.52 -7.22
C GLY A 172 6.63 -21.84 -6.95
N GLU A 173 7.15 -22.88 -7.57
CA GLU A 173 6.52 -24.19 -7.56
C GLU A 173 6.21 -24.65 -6.12
N ASP A 174 6.98 -24.17 -5.12
CA ASP A 174 6.79 -24.53 -3.69
C ASP A 174 5.99 -23.52 -2.85
N ALA A 175 5.44 -22.49 -3.51
CA ALA A 175 4.63 -21.50 -2.83
C ALA A 175 3.29 -22.10 -2.36
N VAL A 176 2.71 -21.46 -1.36
CA VAL A 176 1.38 -21.76 -0.87
C VAL A 176 0.43 -20.51 -0.93
N VAL A 177 -0.80 -20.71 -1.38
CA VAL A 177 -1.75 -19.65 -1.34
C VAL A 177 -2.10 -19.51 0.13
N LEU A 178 -2.07 -18.31 0.66
CA LEU A 178 -2.37 -18.08 2.08
C LEU A 178 -3.86 -17.81 2.16
N TRP A 179 -4.63 -18.88 2.15
CA TRP A 179 -6.06 -18.80 2.09
C TRP A 179 -6.74 -17.93 3.11
N SER A 180 -6.20 -17.80 4.30
CA SER A 180 -6.82 -16.87 5.25
C SER A 180 -6.75 -15.37 4.88
N THR A 181 -5.92 -15.01 3.89
CA THR A 181 -5.85 -13.62 3.40
C THR A 181 -6.78 -13.41 2.24
N VAL A 182 -7.27 -14.49 1.64
CA VAL A 182 -7.95 -14.37 0.34
C VAL A 182 -9.42 -14.03 0.51
N LYS A 183 -9.83 -12.87 -0.01
CA LYS A 183 -11.15 -12.38 0.19
C LYS A 183 -11.64 -11.84 -1.11
N ILE A 184 -12.95 -11.96 -1.30
CA ILE A 184 -13.63 -11.45 -2.47
C ILE A 184 -14.65 -10.49 -1.94
N LYS A 185 -14.49 -9.20 -2.27
CA LYS A 185 -15.32 -8.10 -1.73
C LYS A 185 -15.42 -8.15 -0.27
N GLY A 186 -14.35 -8.53 0.41
CA GLY A 186 -14.38 -8.66 1.84
C GLY A 186 -14.82 -10.00 2.42
N LYS A 187 -15.33 -10.91 1.61
CA LYS A 187 -15.87 -12.19 2.13
C LYS A 187 -14.86 -13.35 1.95
N PRO A 188 -14.86 -14.32 2.88
CA PRO A 188 -13.98 -15.47 2.72
C PRO A 188 -14.22 -16.17 1.40
N VAL A 189 -13.15 -16.69 0.84
CA VAL A 189 -13.20 -17.31 -0.48
C VAL A 189 -14.07 -18.60 -0.51
N ASP A 190 -14.17 -19.26 0.66
CA ASP A 190 -15.08 -20.40 0.91
C ASP A 190 -16.50 -20.13 0.48
N GLU A 191 -16.97 -18.90 0.71
CA GLU A 191 -18.31 -18.46 0.28
C GLU A 191 -18.47 -18.39 -1.21
N PHE A 192 -17.47 -18.88 -1.96
CA PHE A 192 -17.49 -18.72 -3.39
C PHE A 192 -17.25 -19.97 -4.08
N ASN A 193 -17.73 -20.01 -5.29
CA ASN A 193 -17.56 -21.14 -6.14
C ASN A 193 -16.10 -21.30 -6.62
N ILE A 194 -15.13 -21.50 -5.73
CA ILE A 194 -13.72 -21.50 -6.13
C ILE A 194 -13.06 -22.79 -5.75
N ASN A 195 -12.53 -23.50 -6.73
CA ASN A 195 -11.68 -24.63 -6.49
C ASN A 195 -10.25 -24.18 -6.16
N LYS A 196 -9.87 -24.30 -4.88
CA LYS A 196 -8.56 -23.93 -4.40
C LYS A 196 -7.40 -24.62 -5.07
N ASP A 197 -7.53 -25.91 -5.34
CA ASP A 197 -6.49 -26.61 -6.07
C ASP A 197 -6.32 -26.11 -7.52
N GLU A 198 -7.41 -25.73 -8.17
CA GLU A 198 -7.30 -25.25 -9.53
C GLU A 198 -6.52 -23.86 -9.52
N VAL A 199 -6.74 -23.06 -8.48
CA VAL A 199 -6.07 -21.76 -8.34
C VAL A 199 -4.56 -21.97 -8.17
N SER A 200 -4.17 -22.80 -7.16
CA SER A 200 -2.80 -23.14 -6.92
C SER A 200 -2.13 -23.65 -8.15
N ASP A 201 -2.83 -24.50 -8.90
CA ASP A 201 -2.22 -25.15 -10.01
C ASP A 201 -1.91 -24.15 -11.15
N TYR A 202 -2.88 -23.27 -11.43
CA TYR A 202 -2.70 -22.22 -12.42
C TYR A 202 -1.46 -21.35 -12.05
N VAL A 203 -1.42 -20.88 -10.81
CA VAL A 203 -0.33 -20.08 -10.31
C VAL A 203 1.00 -20.80 -10.58
N LYS A 204 1.14 -22.05 -10.14
CA LYS A 204 2.41 -22.78 -10.34
C LYS A 204 2.75 -23.01 -11.80
N LYS A 205 1.75 -23.24 -12.65
CA LYS A 205 2.01 -23.59 -14.06
C LYS A 205 2.11 -22.43 -15.07
N ILE A 206 1.39 -21.34 -14.81
CA ILE A 206 1.31 -20.32 -15.86
C ILE A 206 2.69 -19.74 -16.29
N PRO A 207 3.64 -19.53 -15.36
CA PRO A 207 4.94 -19.04 -15.91
C PRO A 207 5.66 -20.02 -16.84
N GLY A 208 5.65 -21.31 -16.48
CA GLY A 208 6.20 -22.36 -17.31
C GLY A 208 5.60 -22.36 -18.70
N GLU A 209 4.29 -22.17 -18.72
CA GLU A 209 3.53 -22.11 -19.98
C GLU A 209 3.90 -20.84 -20.84
N ILE A 210 4.13 -19.69 -20.18
CA ILE A 210 4.55 -18.46 -20.86
C ILE A 210 5.94 -18.69 -21.41
N ILE A 211 6.79 -19.32 -20.61
CA ILE A 211 8.11 -19.62 -21.08
C ILE A 211 8.09 -20.51 -22.33
N ARG A 212 7.32 -21.57 -22.31
CA ARG A 212 7.25 -22.49 -23.44
C ARG A 212 6.80 -21.75 -24.66
N VAL A 213 5.82 -20.87 -24.55
CA VAL A 213 5.25 -20.25 -25.80
C VAL A 213 6.05 -19.04 -26.23
N ILE A 214 6.33 -18.15 -25.29
CA ILE A 214 6.91 -16.83 -25.60
C ILE A 214 8.44 -16.86 -25.47
N GLY A 215 8.96 -17.62 -24.53
CA GLY A 215 10.42 -17.70 -24.32
C GLY A 215 10.84 -17.23 -22.92
N GLY A 216 10.03 -16.38 -22.28
CA GLY A 216 10.26 -15.91 -20.90
C GLY A 216 9.09 -15.06 -20.44
N THR A 217 8.93 -14.89 -19.14
CA THR A 217 7.95 -13.98 -18.60
C THR A 217 8.49 -12.54 -18.60
N THR A 218 7.64 -11.58 -18.95
CA THR A 218 8.01 -10.21 -19.06
C THR A 218 7.05 -9.25 -18.41
N TRP A 219 5.97 -8.96 -19.09
CA TRP A 219 5.13 -7.86 -18.69
C TRP A 219 4.54 -8.01 -17.29
N GLY A 220 4.17 -9.22 -16.90
CA GLY A 220 3.52 -9.37 -15.64
C GLY A 220 4.52 -9.15 -14.52
N PRO A 221 5.55 -10.00 -14.45
CA PRO A 221 6.49 -9.78 -13.34
C PRO A 221 7.23 -8.42 -13.42
N GLY A 222 7.48 -7.96 -14.62
CA GLY A 222 8.06 -6.63 -14.78
C GLY A 222 7.25 -5.52 -14.11
N THR A 223 5.95 -5.48 -14.41
CA THR A 223 5.03 -4.52 -13.80
C THR A 223 4.92 -4.71 -12.30
N ILE A 224 4.85 -5.96 -11.91
CA ILE A 224 4.67 -6.27 -10.52
C ILE A 224 5.89 -5.86 -9.69
N ILE A 225 7.10 -6.19 -10.18
CA ILE A 225 8.34 -5.82 -9.50
C ILE A 225 8.58 -4.32 -9.51
N ALA A 226 8.21 -3.67 -10.61
CA ALA A 226 8.29 -2.26 -10.65
C ALA A 226 7.40 -1.62 -9.59
N ASP A 227 6.26 -2.27 -9.29
CA ASP A 227 5.39 -1.72 -8.26
C ASP A 227 6.01 -1.89 -6.88
N ILE A 228 6.80 -2.93 -6.69
CA ILE A 228 7.60 -3.02 -5.43
C ILE A 228 8.55 -1.80 -5.35
N ILE A 229 9.22 -1.47 -6.46
CA ILE A 229 10.12 -0.32 -6.50
C ILE A 229 9.37 0.95 -6.19
N LYS A 230 8.20 1.15 -6.84
CA LYS A 230 7.37 2.27 -6.62
C LYS A 230 6.88 2.41 -5.18
N SER A 231 6.59 1.29 -4.49
CA SER A 231 6.11 1.36 -3.10
C SER A 231 7.22 1.84 -2.18
N ILE A 232 8.44 1.39 -2.45
CA ILE A 232 9.62 1.91 -1.74
C ILE A 232 9.86 3.39 -2.09
N ALA A 233 9.89 3.73 -3.35
CA ALA A 233 10.30 5.04 -3.82
C ALA A 233 9.34 6.14 -3.42
N PHE A 234 8.03 5.85 -3.38
CA PHE A 234 7.03 6.79 -2.93
C PHE A 234 6.57 6.62 -1.48
N SER A 235 7.18 5.66 -0.79
CA SER A 235 6.83 5.31 0.59
C SER A 235 5.32 5.05 0.85
N GLU A 236 4.75 4.17 0.02
CA GLU A 236 3.32 3.97 -0.11
C GLU A 236 2.79 2.98 0.96
N ASN A 237 3.66 2.14 1.51
CA ASN A 237 3.32 1.17 2.51
C ASN A 237 2.38 0.05 2.03
N ARG A 238 2.46 -0.31 0.76
CA ARG A 238 1.76 -1.45 0.25
C ARG A 238 2.26 -2.73 0.95
N VAL A 239 1.29 -3.53 1.39
CA VAL A 239 1.58 -4.90 1.83
C VAL A 239 1.76 -5.78 0.61
N MET A 240 2.93 -6.41 0.52
CA MET A 240 3.37 -7.16 -0.62
C MET A 240 4.00 -8.42 -0.12
N SER A 241 3.81 -9.52 -0.83
CA SER A 241 4.34 -10.81 -0.38
C SER A 241 5.75 -11.07 -0.92
N ILE A 242 6.62 -10.12 -0.56
CA ILE A 242 8.01 -10.22 -0.89
C ILE A 242 8.69 -11.15 0.15
N ALA A 243 9.93 -11.56 -0.14
CA ALA A 243 10.77 -12.31 0.83
C ALA A 243 11.83 -11.39 1.45
N THR A 244 11.72 -11.24 2.75
CA THR A 244 12.66 -10.49 3.53
C THR A 244 13.59 -11.43 4.31
N PRO A 245 14.73 -10.92 4.75
CA PRO A 245 15.67 -11.84 5.36
C PRO A 245 15.29 -12.22 6.79
N LYS A 246 15.43 -13.49 7.11
CA LYS A 246 15.26 -13.97 8.48
C LYS A 246 16.48 -14.81 8.87
N GLU A 247 16.80 -14.83 10.14
CA GLU A 247 17.83 -15.70 10.62
C GLU A 247 17.22 -17.03 10.99
N TYR A 248 17.87 -18.11 10.61
CA TYR A 248 17.41 -19.48 10.88
C TYR A 248 18.63 -20.39 11.09
N GLU A 249 18.86 -20.85 12.32
CA GLU A 249 20.07 -21.61 12.65
C GLU A 249 21.29 -20.78 12.26
N LYS A 250 21.27 -19.49 12.64
CA LYS A 250 22.32 -18.51 12.35
C LYS A 250 22.63 -18.22 10.84
N GLU A 251 21.83 -18.74 9.92
CA GLU A 251 21.99 -18.56 8.49
C GLU A 251 20.89 -17.59 8.09
N ILE A 252 21.21 -16.66 7.18
CA ILE A 252 20.21 -15.79 6.56
C ILE A 252 19.44 -16.55 5.47
N ILE A 253 18.10 -16.55 5.58
CA ILE A 253 17.23 -17.15 4.56
C ILE A 253 16.16 -16.15 4.17
N HIS A 254 15.57 -16.39 3.02
CA HIS A 254 14.49 -15.59 2.50
C HIS A 254 13.27 -16.49 2.23
N VAL A 255 12.13 -16.08 2.75
CA VAL A 255 10.83 -16.71 2.60
C VAL A 255 9.80 -15.60 2.46
N SER A 256 8.76 -15.79 1.67
CA SER A 256 7.75 -14.75 1.47
C SER A 256 6.62 -14.72 2.45
N ALA A 257 6.16 -13.53 2.78
CA ALA A 257 4.99 -13.26 3.59
C ALA A 257 4.56 -11.81 3.40
N PRO A 258 3.27 -11.51 3.48
CA PRO A 258 2.78 -10.12 3.39
C PRO A 258 3.59 -9.24 4.29
N THR A 259 4.16 -8.20 3.69
CA THR A 259 5.16 -7.35 4.36
C THR A 259 4.89 -5.92 3.99
N VAL A 260 5.02 -5.03 4.95
CA VAL A 260 4.77 -3.62 4.67
C VAL A 260 6.01 -3.05 3.91
N VAL A 261 5.76 -2.55 2.71
CA VAL A 261 6.80 -2.02 1.87
C VAL A 261 6.75 -0.52 1.75
N GLY A 262 7.64 0.16 2.44
CA GLY A 262 7.73 1.60 2.38
C GLY A 262 9.17 2.07 2.25
N SER A 263 9.44 3.32 2.55
CA SER A 263 10.82 3.79 2.49
C SER A 263 11.60 2.92 3.48
N SER A 264 10.89 2.32 4.42
CA SER A 264 11.44 1.37 5.31
C SER A 264 10.68 0.08 4.98
N ILE A 265 11.33 -1.03 5.19
CA ILE A 265 10.78 -2.31 4.90
C ILE A 265 10.44 -3.04 6.17
N GLY A 266 9.21 -3.49 6.28
CA GLY A 266 8.76 -4.22 7.44
C GLY A 266 7.69 -3.43 8.14
N PRO A 267 6.97 -4.06 9.04
CA PRO A 267 7.15 -5.46 9.42
C PRO A 267 6.49 -6.50 8.53
N SER A 268 6.86 -7.77 8.68
CA SER A 268 6.22 -8.83 7.94
C SER A 268 4.98 -9.15 8.78
N LEU A 269 3.95 -9.69 8.17
CA LEU A 269 2.66 -9.86 8.89
C LEU A 269 2.30 -11.34 9.18
N GLU A 270 3.30 -12.22 9.22
CA GLU A 270 3.04 -13.66 9.41
C GLU A 270 2.28 -13.96 10.74
N SER A 271 2.57 -13.18 11.77
CA SER A 271 1.98 -13.36 13.07
C SER A 271 0.48 -13.15 13.04
N LEU A 272 -0.05 -12.46 12.05
CA LEU A 272 -1.48 -12.23 11.91
C LEU A 272 -2.19 -13.19 10.99
N LEU A 273 -1.49 -14.16 10.41
CA LEU A 273 -2.15 -15.20 9.64
C LEU A 273 -2.94 -16.16 10.57
N ASP A 274 -3.93 -16.90 10.03
CA ASP A 274 -4.58 -18.01 10.78
C ASP A 274 -3.57 -19.11 11.03
N GLU A 275 -3.95 -20.12 11.83
CA GLU A 275 -3.02 -21.18 12.23
C GLU A 275 -2.48 -22.00 11.11
N LYS A 276 -3.33 -22.36 10.17
CA LYS A 276 -2.89 -23.23 9.12
C LYS A 276 -1.80 -22.50 8.29
N ASP A 277 -2.05 -21.22 7.97
CA ASP A 277 -1.13 -20.42 7.17
C ASP A 277 0.18 -20.21 7.93
N ARG A 278 0.12 -19.85 9.19
CA ARG A 278 1.33 -19.76 9.98
C ARG A 278 2.14 -21.07 9.99
N TRP A 279 1.47 -22.22 10.04
CA TRP A 279 2.17 -23.51 10.02
C TRP A 279 2.83 -23.68 8.67
N HIS A 280 2.13 -23.36 7.60
CA HIS A 280 2.81 -23.43 6.29
C HIS A 280 4.08 -22.51 6.16
N LEU A 281 4.03 -21.31 6.74
CA LEU A 281 5.21 -20.43 6.72
C LEU A 281 6.36 -20.91 7.61
N ASN A 282 6.06 -21.52 8.75
CA ASN A 282 7.13 -22.20 9.52
C ASN A 282 7.73 -23.35 8.74
N SER A 283 6.87 -24.14 8.12
CA SER A 283 7.27 -25.26 7.30
C SER A 283 8.19 -24.84 6.14
N ALA A 284 7.74 -23.83 5.40
CA ALA A 284 8.51 -23.22 4.33
C ALA A 284 9.92 -22.79 4.80
N MET A 285 10.03 -22.27 6.02
CA MET A 285 11.33 -21.93 6.53
C MET A 285 12.26 -23.14 6.66
N LYS A 286 11.77 -24.21 7.30
CA LYS A 286 12.53 -25.46 7.50
C LYS A 286 12.95 -26.05 6.18
N ASP A 287 12.02 -26.11 5.23
CA ASP A 287 12.30 -26.68 3.90
C ASP A 287 13.27 -25.89 3.08
N PHE A 288 13.10 -24.57 3.11
CA PHE A 288 14.03 -23.67 2.46
C PHE A 288 15.40 -23.86 3.07
N TYR A 289 15.50 -23.78 4.39
CA TYR A 289 16.81 -23.92 5.03
C TYR A 289 17.51 -25.20 4.62
N GLU A 290 16.76 -26.30 4.54
CA GLU A 290 17.31 -27.61 4.10
C GLU A 290 17.75 -27.61 2.65
N ALA A 291 16.92 -27.12 1.75
CA ALA A 291 17.32 -27.11 0.32
C ALA A 291 18.51 -26.14 0.04
N TYR A 292 18.58 -25.03 0.77
CA TYR A 292 19.59 -24.01 0.54
C TYR A 292 20.98 -24.50 1.02
N LYS A 293 21.05 -25.05 2.24
CA LYS A 293 22.25 -25.77 2.73
C LYS A 293 22.75 -26.84 1.75
N GLU A 294 21.89 -27.72 1.29
CA GLU A 294 22.28 -28.63 0.25
C GLU A 294 22.92 -27.89 -0.92
N ASN A 295 22.22 -26.92 -1.48
CA ASN A 295 22.71 -26.18 -2.64
C ASN A 295 24.06 -25.51 -2.45
N LEU A 296 24.28 -24.97 -1.24
CA LEU A 296 25.56 -24.33 -0.86
C LEU A 296 26.73 -25.36 -0.84
N LYS A 297 26.50 -26.54 -0.28
CA LYS A 297 27.46 -27.67 -0.37
C LYS A 297 27.72 -28.04 -1.83
N GLN A 298 26.69 -28.27 -2.62
CA GLN A 298 26.88 -28.57 -4.02
C GLN A 298 27.65 -27.49 -4.81
N LEU A 299 27.61 -26.27 -4.32
CA LEU A 299 28.35 -25.20 -4.95
C LEU A 299 29.76 -25.27 -4.40
N GLU A 300 29.88 -25.66 -3.14
CA GLU A 300 31.18 -25.77 -2.52
C GLU A 300 31.95 -26.93 -3.11
N GLN A 301 31.25 -27.68 -3.95
CA GLN A 301 31.84 -28.77 -4.67
C GLN A 301 32.31 -28.14 -5.97
N ALA A 302 32.99 -27.02 -5.77
CA ALA A 302 33.69 -26.24 -6.77
C ALA A 302 34.98 -27.02 -6.66
N THR A 303 35.54 -27.08 -5.46
CA THR A 303 36.71 -27.89 -5.15
C THR A 303 37.30 -27.55 -3.79
N ALA B 1 -14.17 1.68 -8.83
CA ALA B 1 -15.31 1.56 -7.89
C ALA B 1 -16.45 2.55 -8.22
N LYS B 2 -17.63 2.19 -7.74
CA LYS B 2 -18.79 3.07 -7.79
C LYS B 2 -18.81 3.79 -6.48
N VAL B 3 -18.76 5.09 -6.52
CA VAL B 3 -18.59 5.87 -5.27
C VAL B 3 -19.65 6.91 -5.08
N GLY B 4 -20.28 6.81 -3.91
CA GLY B 4 -21.22 7.78 -3.47
C GLY B 4 -20.57 8.83 -2.63
N PHE B 5 -20.86 10.11 -2.94
CA PHE B 5 -20.38 11.26 -2.15
C PHE B 5 -21.58 12.02 -1.53
N ILE B 6 -21.63 11.97 -0.20
CA ILE B 6 -22.73 12.56 0.55
C ILE B 6 -22.23 13.80 1.22
N GLY B 7 -22.60 14.95 0.65
CA GLY B 7 -22.01 16.21 1.07
C GLY B 7 -21.05 16.69 0.05
N ALA B 8 -21.41 17.80 -0.59
CA ALA B 8 -20.65 18.37 -1.69
C ALA B 8 -20.25 19.78 -1.33
N GLY B 9 -19.78 19.97 -0.11
CA GLY B 9 -19.15 21.22 0.26
C GLY B 9 -17.66 21.23 -0.16
N LYS B 10 -16.88 22.01 0.57
CA LYS B 10 -15.47 22.24 0.22
C LYS B 10 -14.69 20.96 0.20
N ILE B 11 -14.73 20.21 1.31
CA ILE B 11 -14.02 18.98 1.36
C ILE B 11 -14.65 17.88 0.53
N GLY B 12 -15.99 17.86 0.43
CA GLY B 12 -16.60 16.82 -0.37
C GLY B 12 -16.23 16.98 -1.84
N GLN B 13 -16.33 18.19 -2.33
CA GLN B 13 -15.93 18.46 -3.72
C GLN B 13 -14.44 18.11 -3.94
N THR B 14 -13.58 18.40 -2.95
CA THR B 14 -12.15 18.15 -3.16
C THR B 14 -11.87 16.67 -3.21
N ILE B 15 -12.44 15.90 -2.29
CA ILE B 15 -12.26 14.47 -2.29
C ILE B 15 -12.75 13.87 -3.59
N ALA B 16 -13.96 14.25 -4.01
CA ALA B 16 -14.53 13.69 -5.23
C ALA B 16 -13.71 14.01 -6.44
N TYR B 17 -13.29 15.27 -6.58
CA TYR B 17 -12.46 15.70 -7.72
C TYR B 17 -11.20 14.89 -7.74
N SER B 18 -10.54 14.78 -6.60
CA SER B 18 -9.26 14.14 -6.55
C SER B 18 -9.35 12.63 -6.79
N ALA B 19 -10.41 11.98 -6.24
CA ALA B 19 -10.65 10.56 -6.47
C ALA B 19 -11.01 10.27 -7.94
N LEU B 20 -11.81 11.13 -8.55
CA LEU B 20 -12.11 10.99 -9.96
C LEU B 20 -10.92 11.19 -10.92
N VAL B 21 -10.09 12.22 -10.71
CA VAL B 21 -8.93 12.40 -11.61
C VAL B 21 -7.83 11.41 -11.34
N SER B 22 -7.84 10.78 -10.19
CA SER B 22 -6.87 9.72 -9.92
C SER B 22 -7.20 8.43 -10.67
N GLY B 23 -8.39 8.31 -11.23
CA GLY B 23 -8.77 7.12 -11.94
C GLY B 23 -9.42 6.04 -11.06
N ALA B 24 -9.65 6.29 -9.79
CA ALA B 24 -10.12 5.21 -8.93
C ALA B 24 -11.66 5.11 -8.92
N VAL B 25 -12.37 6.10 -9.46
CA VAL B 25 -13.80 6.12 -9.41
C VAL B 25 -14.38 5.90 -10.81
N ASP B 26 -15.06 4.78 -11.03
CA ASP B 26 -15.69 4.52 -12.33
C ASP B 26 -17.02 5.23 -12.51
N GLU B 27 -17.74 5.39 -11.41
CA GLU B 27 -19.02 6.05 -11.39
C GLU B 27 -19.16 6.73 -10.09
N ALA B 28 -19.73 7.92 -10.13
CA ALA B 28 -19.96 8.69 -8.96
C ALA B 28 -21.34 9.33 -8.93
N VAL B 29 -21.90 9.35 -7.75
CA VAL B 29 -23.15 10.01 -7.50
C VAL B 29 -22.92 10.93 -6.32
N ILE B 30 -23.16 12.19 -6.54
CA ILE B 30 -22.91 13.20 -5.56
C ILE B 30 -24.20 13.85 -5.04
N TYR B 31 -24.39 13.80 -3.75
CA TYR B 31 -25.60 14.33 -3.14
C TYR B 31 -25.24 15.47 -2.22
N ASP B 32 -26.13 16.46 -2.20
CA ASP B 32 -26.15 17.51 -1.18
C ASP B 32 -27.60 18.01 -0.98
N ILE B 33 -27.90 18.51 0.23
CA ILE B 33 -29.21 19.15 0.53
C ILE B 33 -29.41 20.51 -0.18
N ILE B 34 -28.31 21.18 -0.46
CA ILE B 34 -28.37 22.45 -1.13
C ILE B 34 -28.84 22.35 -2.56
N PRO B 35 -29.96 22.96 -2.84
CA PRO B 35 -30.52 22.87 -4.17
C PRO B 35 -29.57 23.33 -5.24
N GLU B 36 -29.49 22.58 -6.31
CA GLU B 36 -28.62 22.87 -7.45
C GLU B 36 -27.10 22.78 -7.32
N LEU B 37 -26.62 22.65 -6.11
CA LEU B 37 -25.22 22.58 -5.88
C LEU B 37 -24.67 21.35 -6.55
N PRO B 38 -25.19 20.16 -6.24
CA PRO B 38 -24.66 18.98 -6.85
C PRO B 38 -24.70 19.01 -8.35
N ASP B 39 -25.71 19.63 -8.89
CA ASP B 39 -25.87 19.71 -10.32
C ASP B 39 -24.76 20.51 -10.99
N LYS B 40 -24.47 21.65 -10.42
CA LYS B 40 -23.46 22.58 -10.94
C LYS B 40 -22.04 21.99 -10.74
N PHE B 41 -21.79 21.30 -9.64
CA PHE B 41 -20.57 20.58 -9.48
C PHE B 41 -20.39 19.50 -10.52
N GLU B 42 -21.47 18.79 -10.87
CA GLU B 42 -21.42 17.81 -11.90
C GLU B 42 -20.98 18.44 -13.19
N HIS B 43 -21.52 19.61 -13.52
CA HIS B 43 -21.15 20.27 -14.80
C HIS B 43 -19.65 20.67 -14.76
N GLU B 44 -19.20 21.18 -13.62
CA GLU B 44 -17.78 21.43 -13.40
C GLU B 44 -16.92 20.22 -13.67
N LEU B 45 -17.30 19.06 -13.11
CA LEU B 45 -16.60 17.82 -13.33
C LEU B 45 -16.61 17.41 -14.78
N ARG B 46 -17.73 17.53 -15.44
CA ARG B 46 -17.78 17.18 -16.84
C ARG B 46 -16.82 18.02 -17.68
N HIS B 47 -16.70 19.31 -17.36
CA HIS B 47 -15.83 20.20 -18.12
C HIS B 47 -14.38 19.78 -17.92
N ALA B 48 -14.01 19.49 -16.70
CA ALA B 48 -12.71 18.98 -16.40
C ALA B 48 -12.41 17.68 -17.09
N PHE B 49 -13.37 16.75 -17.06
CA PHE B 49 -13.19 15.46 -17.72
C PHE B 49 -12.90 15.58 -19.21
N ALA B 50 -13.53 16.54 -19.89
CA ALA B 50 -13.35 16.63 -21.33
C ALA B 50 -11.85 16.80 -21.72
N THR B 51 -11.10 17.60 -20.93
CA THR B 51 -9.66 17.86 -21.25
C THR B 51 -8.79 16.68 -20.93
N LYS B 52 -9.20 15.90 -19.92
CA LYS B 52 -8.46 14.70 -19.50
C LYS B 52 -8.90 13.41 -20.25
N GLY B 53 -9.98 13.40 -21.01
CA GLY B 53 -10.49 12.15 -21.63
C GLY B 53 -11.09 11.19 -20.59
N ILE B 54 -11.57 11.71 -19.45
CA ILE B 54 -12.19 10.92 -18.40
C ILE B 54 -13.67 10.67 -18.74
N LYS B 55 -14.06 9.40 -18.66
CA LYS B 55 -15.35 8.90 -19.11
C LYS B 55 -16.18 8.36 -17.94
N ALA B 56 -15.69 8.49 -16.70
CA ALA B 56 -16.48 8.11 -15.54
C ALA B 56 -17.87 8.74 -15.54
N ASN B 57 -18.90 7.96 -15.22
CA ASN B 57 -20.29 8.53 -15.13
C ASN B 57 -20.39 9.29 -13.90
N VAL B 58 -21.00 10.44 -13.98
CA VAL B 58 -21.14 11.29 -12.84
C VAL B 58 -22.52 11.90 -12.83
N LEU B 59 -23.14 11.86 -11.67
CA LEU B 59 -24.49 12.41 -11.44
C LEU B 59 -24.48 13.19 -10.17
N GLY B 60 -24.88 14.43 -10.28
CA GLY B 60 -25.03 15.33 -9.17
C GLY B 60 -26.52 15.35 -8.88
N THR B 61 -26.93 15.12 -7.65
CA THR B 61 -28.32 15.04 -7.35
C THR B 61 -28.82 15.59 -6.02
N ASN B 62 -30.06 16.07 -6.02
CA ASN B 62 -30.68 16.53 -4.80
C ASN B 62 -31.64 15.44 -4.24
N SER B 63 -31.71 14.29 -4.91
CA SER B 63 -32.50 13.17 -4.44
C SER B 63 -31.61 12.06 -3.98
N LEU B 64 -31.61 11.83 -2.70
CA LEU B 64 -30.79 10.82 -2.10
C LEU B 64 -31.04 9.41 -2.59
N ASP B 65 -32.22 9.18 -3.16
CA ASP B 65 -32.57 7.86 -3.69
C ASP B 65 -31.77 7.55 -4.91
N ASP B 66 -31.21 8.56 -5.57
CA ASP B 66 -30.30 8.34 -6.68
C ASP B 66 -28.96 7.75 -6.24
N VAL B 67 -28.61 7.82 -4.96
CA VAL B 67 -27.39 7.12 -4.51
C VAL B 67 -27.72 5.67 -4.19
N SER B 68 -27.62 4.81 -5.20
CA SER B 68 -27.78 3.37 -4.96
C SER B 68 -26.78 2.52 -5.70
N GLY B 69 -26.48 1.36 -5.13
CA GLY B 69 -25.61 0.38 -5.80
C GLY B 69 -24.11 0.72 -5.62
N MET B 70 -23.78 1.64 -4.70
CA MET B 70 -22.41 2.06 -4.52
C MET B 70 -21.59 1.03 -3.89
N ASP B 71 -20.31 1.00 -4.24
CA ASP B 71 -19.32 0.21 -3.52
C ASP B 71 -18.82 0.97 -2.31
N ILE B 72 -18.65 2.28 -2.42
CA ILE B 72 -18.09 3.04 -1.30
C ILE B 72 -18.97 4.23 -1.17
N VAL B 73 -19.25 4.62 0.08
CA VAL B 73 -20.04 5.83 0.29
C VAL B 73 -19.27 6.75 1.19
N VAL B 74 -19.01 7.96 0.71
CA VAL B 74 -18.16 8.90 1.42
C VAL B 74 -19.00 9.99 2.03
N ILE B 75 -18.92 10.12 3.34
CA ILE B 75 -19.81 11.09 4.01
C ILE B 75 -19.04 12.30 4.54
N SER B 76 -19.23 13.44 3.91
CA SER B 76 -18.67 14.71 4.39
C SER B 76 -19.77 15.73 4.77
N ALA B 77 -20.99 15.26 4.87
CA ALA B 77 -22.10 16.14 5.24
C ALA B 77 -21.94 16.48 6.71
N GLY B 78 -21.84 17.75 6.99
CA GLY B 78 -21.79 18.19 8.36
C GLY B 78 -21.27 19.59 8.47
N LYS B 79 -21.50 20.17 9.64
CA LYS B 79 -21.00 21.49 9.98
C LYS B 79 -19.49 21.36 10.27
N PRO B 80 -18.70 22.29 9.76
CA PRO B 80 -17.27 22.27 9.98
C PRO B 80 -16.91 23.06 11.22
N ARG B 81 -15.63 23.08 11.54
CA ARG B 81 -15.08 23.81 12.67
C ARG B 81 -14.90 25.26 12.29
N LYS B 82 -14.96 26.11 13.30
CA LYS B 82 -14.77 27.52 13.11
C LYS B 82 -13.58 27.82 13.96
N PRO B 83 -12.88 28.96 13.63
CA PRO B 83 -11.74 29.26 14.51
C PRO B 83 -12.20 29.31 15.95
N GLY B 84 -11.55 28.54 16.78
CA GLY B 84 -11.95 28.50 18.16
C GLY B 84 -12.52 27.19 18.63
N MET B 85 -13.39 26.58 17.83
CA MET B 85 -14.05 25.34 18.20
C MET B 85 -13.14 24.15 18.28
N SER B 86 -13.63 23.09 18.87
CA SER B 86 -12.86 21.87 18.94
C SER B 86 -13.63 20.95 18.03
N ARG B 87 -13.03 19.88 17.54
CA ARG B 87 -13.73 19.01 16.64
C ARG B 87 -14.96 18.37 17.27
N ARG B 88 -14.78 17.84 18.47
CA ARG B 88 -15.82 17.23 19.27
C ARG B 88 -17.04 18.11 19.67
N ASP B 89 -16.90 19.44 19.72
CA ASP B 89 -18.09 20.33 19.84
C ASP B 89 -19.21 20.07 18.82
N LEU B 90 -18.81 19.51 17.67
CA LEU B 90 -19.75 19.32 16.59
C LEU B 90 -20.62 18.05 16.77
N PHE B 91 -20.34 17.26 17.81
CA PHE B 91 -20.96 15.93 17.96
C PHE B 91 -22.46 15.86 17.84
N VAL B 92 -23.16 16.63 18.66
CA VAL B 92 -24.61 16.62 18.60
C VAL B 92 -25.18 17.01 17.27
N ASP B 93 -24.75 18.17 16.74
CA ASP B 93 -25.28 18.64 15.44
C ASP B 93 -25.04 17.63 14.33
N ASN B 94 -23.81 17.15 14.26
CA ASN B 94 -23.48 16.23 13.16
C ASN B 94 -24.01 14.79 13.38
N ALA B 95 -24.05 14.31 14.63
CA ALA B 95 -24.71 13.02 14.94
C ALA B 95 -26.13 12.93 14.41
N LYS B 96 -26.87 14.03 14.46
CA LYS B 96 -28.23 14.06 13.92
C LYS B 96 -28.26 13.83 12.41
N ILE B 97 -27.24 14.33 11.72
CA ILE B 97 -27.12 14.09 10.28
C ILE B 97 -26.85 12.60 10.07
N MET B 98 -25.95 12.03 10.87
CA MET B 98 -25.52 10.65 10.63
C MET B 98 -26.70 9.68 10.88
N ILE B 99 -27.52 9.99 11.90
CA ILE B 99 -28.65 9.11 12.28
C ILE B 99 -29.60 9.08 11.13
N ASP B 100 -29.89 10.24 10.57
CA ASP B 100 -30.76 10.28 9.37
C ASP B 100 -30.23 9.56 8.13
N LEU B 101 -28.93 9.77 7.83
CA LEU B 101 -28.31 9.13 6.65
C LEU B 101 -28.30 7.63 6.86
N ALA B 102 -28.06 7.19 8.10
CA ALA B 102 -28.09 5.79 8.43
C ALA B 102 -29.45 5.05 8.21
N GLN B 103 -30.51 5.81 8.11
CA GLN B 103 -31.87 5.28 7.88
C GLN B 103 -32.24 5.33 6.45
N LYS B 104 -31.39 5.96 5.61
CA LYS B 104 -31.70 6.14 4.22
C LYS B 104 -30.72 5.45 3.28
N LEU B 105 -29.41 5.56 3.56
CA LEU B 105 -28.39 5.06 2.58
C LEU B 105 -28.31 3.55 2.51
N PRO B 106 -28.35 2.86 3.67
CA PRO B 106 -28.12 1.42 3.58
C PRO B 106 -29.04 0.60 2.72
N SER B 107 -30.34 0.90 2.73
CA SER B 107 -31.30 0.16 1.87
C SER B 107 -30.91 0.28 0.41
N LYS B 108 -30.33 1.41 0.05
CA LYS B 108 -29.98 1.66 -1.37
C LYS B 108 -28.54 1.16 -1.72
N ASN B 109 -27.67 1.02 -0.71
CA ASN B 109 -26.23 0.69 -0.86
C ASN B 109 -25.81 -0.41 0.11
N PRO B 110 -26.42 -1.58 -0.02
CA PRO B 110 -26.18 -2.60 0.97
C PRO B 110 -24.75 -3.19 0.82
N GLY B 111 -24.09 -3.38 1.95
CA GLY B 111 -22.76 -3.94 1.93
C GLY B 111 -21.61 -3.03 1.46
N ALA B 112 -21.91 -1.76 1.23
CA ALA B 112 -20.90 -0.77 0.86
C ALA B 112 -20.00 -0.53 2.03
N ILE B 113 -18.81 -0.05 1.74
CA ILE B 113 -17.91 0.50 2.77
C ILE B 113 -18.31 1.94 2.91
N TYR B 114 -18.50 2.37 4.17
CA TYR B 114 -18.94 3.74 4.45
C TYR B 114 -17.70 4.39 5.01
N LEU B 115 -17.30 5.51 4.41
CA LEU B 115 -16.07 6.25 4.79
C LEU B 115 -16.43 7.56 5.36
N MET B 116 -16.20 7.69 6.64
CA MET B 116 -16.58 8.91 7.36
C MET B 116 -15.46 10.01 7.26
N VAL B 117 -15.88 11.22 6.90
CA VAL B 117 -15.05 12.46 6.76
C VAL B 117 -15.55 13.55 7.72
N ALA B 118 -16.88 13.75 7.83
CA ALA B 118 -17.49 14.79 8.71
C ALA B 118 -17.02 14.66 10.15
N ASN B 119 -16.70 15.76 10.81
CA ASN B 119 -16.19 15.67 12.18
C ASN B 119 -17.30 15.77 13.23
N PRO B 120 -17.04 15.30 14.45
CA PRO B 120 -15.78 14.68 14.83
C PRO B 120 -15.70 13.32 14.20
N VAL B 121 -14.79 13.15 13.27
CA VAL B 121 -14.69 11.98 12.46
C VAL B 121 -14.81 10.58 13.05
N ASP B 122 -14.05 10.25 14.06
CA ASP B 122 -14.12 8.93 14.65
C ASP B 122 -15.48 8.65 15.33
N MET B 123 -15.95 9.59 16.12
CA MET B 123 -17.23 9.56 16.79
C MET B 123 -18.36 9.52 15.79
N MET B 124 -18.23 10.23 14.67
CA MET B 124 -19.27 10.14 13.63
C MET B 124 -19.35 8.79 13.00
N ALA B 125 -18.19 8.15 12.82
CA ALA B 125 -18.13 6.83 12.29
C ALA B 125 -18.84 5.84 13.26
N SER B 126 -18.54 5.99 14.54
CA SER B 126 -19.17 5.14 15.55
C SER B 126 -20.69 5.31 15.58
N VAL B 127 -21.19 6.53 15.45
CA VAL B 127 -22.60 6.81 15.45
C VAL B 127 -23.22 6.22 14.21
N PHE B 128 -22.69 6.59 13.05
CA PHE B 128 -23.20 6.04 11.81
C PHE B 128 -23.30 4.50 11.82
N MET B 129 -22.29 3.84 12.30
CA MET B 129 -22.26 2.41 12.34
C MET B 129 -23.32 1.87 13.36
N LYS B 130 -23.50 2.59 14.44
CA LYS B 130 -24.52 2.27 15.45
C LYS B 130 -25.92 2.29 14.84
N TYR B 131 -26.24 3.36 14.13
CA TYR B 131 -27.54 3.53 13.53
C TYR B 131 -27.76 2.86 12.18
N SER B 132 -26.71 2.33 11.59
CA SER B 132 -26.80 1.69 10.29
C SER B 132 -26.43 0.21 10.28
N LYS B 133 -25.57 -0.17 11.20
CA LYS B 133 -25.07 -1.49 11.23
C LYS B 133 -24.34 -1.87 9.90
N GLN B 134 -23.89 -0.89 9.11
CA GLN B 134 -23.13 -1.12 7.90
C GLN B 134 -21.67 -0.90 8.26
N PHE B 135 -20.78 -1.55 7.56
CA PHE B 135 -19.32 -1.45 7.88
C PHE B 135 -18.81 -0.02 7.58
N THR B 136 -18.33 0.62 8.63
CA THR B 136 -18.04 2.03 8.56
C THR B 136 -16.62 2.27 8.99
N ILE B 137 -15.85 3.00 8.16
CA ILE B 137 -14.48 3.44 8.59
C ILE B 137 -14.42 4.94 8.69
N SER B 138 -13.39 5.44 9.33
CA SER B 138 -13.16 6.85 9.45
C SER B 138 -11.78 7.24 8.86
N ALA B 139 -11.68 8.41 8.24
CA ALA B 139 -10.42 8.92 7.71
C ALA B 139 -9.41 8.85 8.85
N GLY B 140 -9.83 9.12 10.06
CA GLY B 140 -9.02 8.85 11.26
C GLY B 140 -7.79 9.76 11.21
N ASP B 141 -6.67 9.20 11.62
CA ASP B 141 -5.43 9.93 11.68
C ASP B 141 -4.54 9.77 10.41
N GLN B 142 -5.13 9.43 9.28
CA GLN B 142 -4.35 9.28 8.09
C GLN B 142 -3.86 10.66 7.60
N VAL B 143 -4.70 11.68 7.77
CA VAL B 143 -4.34 13.06 7.51
C VAL B 143 -3.18 13.52 8.42
N GLU B 144 -3.28 13.21 9.69
CA GLU B 144 -2.24 13.56 10.63
C GLU B 144 -0.95 12.92 10.22
N THR B 145 -1.05 11.66 9.77
CA THR B 145 0.07 10.83 9.40
C THR B 145 0.90 11.58 8.30
N MET B 146 0.22 12.09 7.31
CA MET B 146 0.83 12.76 6.23
C MET B 146 1.40 14.12 6.59
N ARG B 147 0.74 14.80 7.52
CA ARG B 147 1.22 16.04 8.02
C ARG B 147 2.54 15.87 8.77
N MET B 148 2.62 14.81 9.53
CA MET B 148 3.80 14.45 10.28
C MET B 148 4.98 14.14 9.37
N ARG B 149 4.75 13.32 8.37
CA ARG B 149 5.75 12.99 7.41
C ARG B 149 6.29 14.22 6.71
N SER B 150 5.40 15.05 6.21
CA SER B 150 5.78 16.25 5.51
C SER B 150 6.58 17.24 6.35
N PHE B 151 6.26 17.35 7.62
CA PHE B 151 6.94 18.23 8.55
C PHE B 151 8.35 17.79 8.74
N ILE B 152 8.53 16.53 9.10
CA ILE B 152 9.87 15.94 9.23
C ILE B 152 10.74 16.11 7.95
N ALA B 153 10.15 15.88 6.78
CA ALA B 153 10.88 16.11 5.56
C ALA B 153 11.35 17.60 5.36
N LYS B 154 10.46 18.56 5.49
CA LYS B 154 10.80 19.97 5.29
C LYS B 154 11.85 20.36 6.38
N LYS B 155 11.69 19.87 7.61
CA LYS B 155 12.62 20.16 8.69
C LYS B 155 14.05 19.71 8.38
N LEU B 156 14.24 18.46 7.94
CA LEU B 156 15.54 17.90 7.63
C LEU B 156 15.96 18.22 6.21
N LYS B 157 15.14 18.94 5.46
CA LYS B 157 15.44 19.27 4.07
C LYS B 157 15.72 17.99 3.28
N ILE B 158 14.79 17.02 3.38
CA ILE B 158 14.85 15.75 2.65
C ILE B 158 13.53 15.52 1.87
N PRO B 159 13.57 14.66 0.84
CA PRO B 159 12.35 14.32 0.12
C PRO B 159 11.38 13.64 1.08
N VAL B 160 10.11 14.00 1.00
CA VAL B 160 9.04 13.33 1.85
C VAL B 160 8.98 11.80 1.71
N THR B 161 9.37 11.32 0.53
CA THR B 161 9.48 9.91 0.24
C THR B 161 10.56 9.14 1.06
N SER B 162 11.45 9.88 1.73
CA SER B 162 12.44 9.33 2.71
C SER B 162 11.88 9.04 4.09
N VAL B 163 10.68 9.56 4.34
CA VAL B 163 10.04 9.43 5.67
C VAL B 163 8.86 8.43 5.66
N ASP B 164 8.86 7.57 6.67
CA ASP B 164 7.87 6.52 6.90
C ASP B 164 7.37 6.68 8.31
N GLY B 165 6.17 6.18 8.57
CA GLY B 165 5.60 6.24 9.89
C GLY B 165 4.18 6.71 9.98
N PHE B 166 3.64 6.53 11.17
CA PHE B 166 2.27 6.84 11.44
C PHE B 166 1.91 7.57 12.73
N VAL B 167 0.78 8.25 12.65
CA VAL B 167 0.08 8.95 13.71
C VAL B 167 -1.16 8.09 13.99
N GLY B 168 -1.56 7.96 15.24
CA GLY B 168 -2.64 7.06 15.61
C GLY B 168 -3.35 7.46 16.88
N GLY B 169 -4.17 6.55 17.39
CA GLY B 169 -4.99 6.81 18.58
C GLY B 169 -6.25 7.56 18.26
N GLU B 170 -6.61 8.46 19.17
CA GLU B 170 -7.74 9.34 19.01
C GLU B 170 -7.47 10.28 17.90
N HIS B 171 -8.47 10.98 17.46
CA HIS B 171 -8.28 11.85 16.35
C HIS B 171 -7.83 13.25 16.70
N GLY B 172 -7.15 13.89 15.77
CA GLY B 172 -6.85 15.33 15.90
C GLY B 172 -5.99 15.73 17.09
N GLU B 173 -6.52 16.63 17.94
CA GLU B 173 -5.79 17.20 19.09
C GLU B 173 -5.37 16.12 20.08
N ASP B 174 -6.06 14.98 20.11
CA ASP B 174 -5.70 13.85 20.97
C ASP B 174 -4.88 12.76 20.33
N ALA B 175 -4.51 12.91 19.07
CA ALA B 175 -3.66 11.93 18.42
C ALA B 175 -2.25 11.84 19.01
N VAL B 176 -1.62 10.70 18.81
CA VAL B 176 -0.21 10.53 19.12
C VAL B 176 0.56 9.98 17.93
N VAL B 177 1.75 10.56 17.75
CA VAL B 177 2.73 10.01 16.79
C VAL B 177 3.09 8.68 17.31
N LEU B 178 3.07 7.69 16.45
CA LEU B 178 3.55 6.34 16.80
C LEU B 178 5.05 6.27 16.47
N TRP B 179 5.84 6.72 17.44
CA TRP B 179 7.26 6.89 17.20
C TRP B 179 8.00 5.63 16.84
N SER B 180 7.54 4.46 17.30
CA SER B 180 8.19 3.23 16.88
C SER B 180 8.05 2.92 15.42
N THR B 181 7.13 3.61 14.70
CA THR B 181 6.97 3.48 13.23
C THR B 181 7.69 4.53 12.36
N VAL B 182 8.16 5.63 12.97
CA VAL B 182 8.73 6.74 12.21
C VAL B 182 10.19 6.45 11.93
N LYS B 183 10.51 6.39 10.63
CA LYS B 183 11.84 6.03 10.15
C LYS B 183 12.24 6.97 9.01
N ILE B 184 13.53 7.31 8.94
CA ILE B 184 14.08 8.16 7.87
C ILE B 184 15.09 7.26 7.18
N LYS B 185 14.83 6.99 5.90
CA LYS B 185 15.60 6.02 5.12
C LYS B 185 15.87 4.74 5.87
N GLY B 186 14.87 4.28 6.62
CA GLY B 186 14.97 3.03 7.35
C GLY B 186 15.49 3.18 8.76
N LYS B 187 15.96 4.34 9.15
CA LYS B 187 16.64 4.46 10.41
C LYS B 187 15.70 5.14 11.38
N PRO B 188 15.78 4.77 12.68
CA PRO B 188 14.92 5.36 13.70
C PRO B 188 15.07 6.83 13.76
N VAL B 189 13.97 7.52 13.99
CA VAL B 189 13.99 8.96 14.09
C VAL B 189 14.94 9.58 15.17
N ASP B 190 15.28 8.82 16.20
CA ASP B 190 16.18 9.27 17.28
C ASP B 190 17.55 9.60 16.75
N GLU B 191 18.00 8.85 15.75
CA GLU B 191 19.27 9.14 15.10
C GLU B 191 19.31 10.47 14.36
N PHE B 192 18.21 11.23 14.32
CA PHE B 192 18.19 12.52 13.65
C PHE B 192 17.84 13.59 14.64
N ASN B 193 18.05 14.80 14.19
CA ASN B 193 17.92 15.97 15.00
C ASN B 193 16.51 16.54 14.77
N ILE B 194 15.51 15.78 15.18
CA ILE B 194 14.15 16.29 15.14
C ILE B 194 13.63 16.24 16.56
N ASN B 195 12.90 17.28 16.90
CA ASN B 195 12.34 17.38 18.23
C ASN B 195 10.94 16.79 18.15
N LYS B 196 10.69 15.70 18.89
CA LYS B 196 9.40 15.00 18.80
C LYS B 196 8.23 15.86 19.17
N ASP B 197 8.41 16.70 20.20
CA ASP B 197 7.34 17.61 20.62
C ASP B 197 7.04 18.68 19.57
N GLU B 198 8.05 19.18 18.88
CA GLU B 198 7.81 20.14 17.81
C GLU B 198 6.94 19.48 16.66
N VAL B 199 7.23 18.22 16.36
CA VAL B 199 6.44 17.46 15.34
C VAL B 199 4.97 17.36 15.74
N SER B 200 4.71 16.84 16.94
CA SER B 200 3.37 16.76 17.51
C SER B 200 2.58 18.06 17.49
N ASP B 201 3.21 19.11 17.96
CA ASP B 201 2.60 20.39 18.02
C ASP B 201 2.28 20.91 16.62
N TYR B 202 3.17 20.70 15.66
CA TYR B 202 2.87 21.10 14.28
C TYR B 202 1.59 20.40 13.77
N VAL B 203 1.60 19.08 13.95
CA VAL B 203 0.50 18.21 13.47
C VAL B 203 -0.82 18.67 14.09
N LYS B 204 -0.81 18.91 15.40
CA LYS B 204 -2.00 19.38 16.06
C LYS B 204 -2.46 20.75 15.64
N LYS B 205 -1.53 21.66 15.37
CA LYS B 205 -1.91 23.07 15.14
C LYS B 205 -2.14 23.51 13.73
N ILE B 206 -1.48 22.85 12.76
CA ILE B 206 -1.59 23.32 11.38
C ILE B 206 -3.00 23.38 10.82
N PRO B 207 -3.86 22.38 11.15
CA PRO B 207 -5.23 22.58 10.56
C PRO B 207 -5.96 23.79 11.07
N GLY B 208 -5.83 24.06 12.38
CA GLY B 208 -6.42 25.26 12.99
C GLY B 208 -5.88 26.54 12.38
N GLU B 209 -4.58 26.53 12.13
CA GLU B 209 -3.93 27.63 11.39
C GLU B 209 -4.40 27.82 9.96
N ILE B 210 -4.49 26.74 9.18
CA ILE B 210 -5.13 26.82 7.84
C ILE B 210 -6.64 27.29 7.92
N ILE B 211 -7.41 26.75 8.86
CA ILE B 211 -8.80 27.21 9.07
C ILE B 211 -8.81 28.71 9.39
N ARG B 212 -7.94 29.16 10.29
CA ARG B 212 -7.84 30.59 10.54
C ARG B 212 -7.56 31.42 9.24
N VAL B 213 -6.60 31.03 8.41
CA VAL B 213 -6.19 31.90 7.31
C VAL B 213 -7.12 31.71 6.11
N ILE B 214 -7.45 30.47 5.79
CA ILE B 214 -8.11 30.18 4.49
C ILE B 214 -9.58 29.98 4.69
N GLY B 215 -9.94 29.40 5.83
CA GLY B 215 -11.32 29.23 6.19
C GLY B 215 -11.68 27.79 6.41
N GLY B 216 -10.88 26.85 5.89
CA GLY B 216 -11.15 25.43 6.05
C GLY B 216 -10.05 24.67 5.35
N THR B 217 -9.83 23.43 5.77
CA THR B 217 -8.83 22.59 5.13
C THR B 217 -9.44 21.92 3.92
N THR B 218 -8.65 21.81 2.84
CA THR B 218 -9.16 21.24 1.57
C THR B 218 -8.24 20.29 0.83
N TRP B 219 -7.18 20.83 0.20
CA TRP B 219 -6.30 20.08 -0.70
C TRP B 219 -5.60 18.95 0.02
N GLY B 220 -5.15 19.21 1.21
CA GLY B 220 -4.41 18.14 1.93
C GLY B 220 -5.30 16.91 2.29
N PRO B 221 -6.31 17.13 3.14
CA PRO B 221 -7.17 15.98 3.51
C PRO B 221 -7.94 15.48 2.34
N GLY B 222 -8.27 16.34 1.40
CA GLY B 222 -8.95 15.88 0.23
C GLY B 222 -8.18 14.85 -0.55
N THR B 223 -6.86 15.13 -0.79
CA THR B 223 -5.97 14.23 -1.51
C THR B 223 -5.72 12.99 -0.69
N ILE B 224 -5.45 13.19 0.61
CA ILE B 224 -5.17 12.07 1.47
C ILE B 224 -6.37 11.06 1.56
N ILE B 225 -7.60 11.56 1.69
CA ILE B 225 -8.83 10.74 1.77
C ILE B 225 -9.11 10.12 0.42
N ALA B 226 -8.91 10.86 -0.67
CA ALA B 226 -8.99 10.28 -2.03
C ALA B 226 -8.02 9.10 -2.22
N ASP B 227 -6.85 9.15 -1.61
CA ASP B 227 -5.94 8.02 -1.67
C ASP B 227 -6.45 6.79 -0.87
N ILE B 228 -7.17 7.02 0.23
CA ILE B 228 -7.87 5.87 0.97
C ILE B 228 -8.89 5.23 -0.02
N ILE B 229 -9.66 6.06 -0.67
CA ILE B 229 -10.59 5.55 -1.66
C ILE B 229 -9.88 4.74 -2.74
N LYS B 230 -8.74 5.27 -3.24
CA LYS B 230 -7.98 4.62 -4.30
C LYS B 230 -7.41 3.34 -3.83
N SER B 231 -6.94 3.33 -2.59
CA SER B 231 -6.34 2.08 -2.15
C SER B 231 -7.39 0.90 -2.06
N ILE B 232 -8.60 1.23 -1.65
CA ILE B 232 -9.73 0.31 -1.65
C ILE B 232 -10.10 -0.05 -3.10
N ALA B 233 -10.35 0.97 -3.91
CA ALA B 233 -10.77 0.75 -5.32
C ALA B 233 -9.86 -0.08 -6.20
N PHE B 234 -8.54 0.07 -6.01
CA PHE B 234 -7.55 -0.69 -6.74
C PHE B 234 -6.94 -1.84 -5.92
N SER B 235 -7.46 -2.05 -4.73
CA SER B 235 -6.98 -3.15 -3.85
C SER B 235 -5.43 -3.14 -3.74
N GLU B 236 -4.92 -1.99 -3.27
CA GLU B 236 -3.49 -1.70 -3.20
C GLU B 236 -2.84 -2.19 -1.94
N ASN B 237 -3.63 -2.38 -0.90
CA ASN B 237 -3.12 -2.91 0.35
C ASN B 237 -2.17 -1.94 1.06
N ARG B 238 -2.40 -0.63 0.93
CA ARG B 238 -1.59 0.35 1.63
C ARG B 238 -1.96 0.33 3.10
N VAL B 239 -0.94 0.37 3.92
CA VAL B 239 -1.10 0.60 5.32
C VAL B 239 -1.34 2.04 5.59
N MET B 240 -2.54 2.35 6.16
CA MET B 240 -2.97 3.66 6.42
C MET B 240 -3.50 3.72 7.86
N SER B 241 -3.28 4.86 8.53
CA SER B 241 -3.71 5.00 9.92
C SER B 241 -5.13 5.54 9.98
N ILE B 242 -6.03 4.81 9.32
CA ILE B 242 -7.46 5.04 9.38
C ILE B 242 -8.04 4.46 10.68
N ALA B 243 -9.29 4.76 10.93
CA ALA B 243 -9.93 4.23 12.14
C ALA B 243 -11.01 3.23 11.70
N THR B 244 -10.83 2.00 12.10
CA THR B 244 -11.69 0.93 11.75
C THR B 244 -12.50 0.51 13.01
N PRO B 245 -13.61 -0.23 12.78
CA PRO B 245 -14.49 -0.46 13.92
C PRO B 245 -13.88 -1.44 14.88
N LYS B 246 -13.87 -1.12 16.16
CA LYS B 246 -13.36 -2.11 17.12
C LYS B 246 -14.39 -2.39 18.25
N GLU B 247 -14.58 -3.65 18.60
CA GLU B 247 -15.47 -4.01 19.69
C GLU B 247 -14.71 -3.81 20.95
N TYR B 248 -15.19 -2.91 21.79
CA TYR B 248 -14.61 -2.65 23.12
C TYR B 248 -15.75 -2.50 24.14
N GLU B 249 -15.68 -3.26 25.24
CA GLU B 249 -16.73 -3.31 26.27
C GLU B 249 -18.07 -3.41 25.65
N LYS B 250 -18.19 -4.27 24.65
CA LYS B 250 -19.41 -4.47 23.92
C LYS B 250 -20.00 -3.24 23.23
N GLU B 251 -19.18 -2.24 22.96
CA GLU B 251 -19.59 -1.13 22.09
C GLU B 251 -18.67 -1.16 20.83
N ILE B 252 -19.14 -0.57 19.74
CA ILE B 252 -18.32 -0.45 18.58
C ILE B 252 -17.72 0.94 18.64
N ILE B 253 -16.41 1.04 18.68
CA ILE B 253 -15.72 2.30 18.71
C ILE B 253 -14.75 2.41 17.54
N HIS B 254 -14.30 3.61 17.27
CA HIS B 254 -13.34 3.83 16.22
C HIS B 254 -12.11 4.56 16.71
N VAL B 255 -10.96 3.92 16.61
CA VAL B 255 -9.68 4.52 16.93
C VAL B 255 -8.68 4.20 15.80
N SER B 256 -7.73 5.09 15.56
CA SER B 256 -6.76 4.90 14.48
C SER B 256 -5.51 4.09 14.79
N ALA B 257 -5.21 3.16 13.91
CA ALA B 257 -3.96 2.43 13.92
C ALA B 257 -3.63 2.09 12.48
N PRO B 258 -2.33 1.85 12.16
CA PRO B 258 -1.97 1.43 10.81
C PRO B 258 -2.70 0.16 10.40
N THR B 259 -3.41 0.21 9.27
CA THR B 259 -4.30 -0.87 8.92
C THR B 259 -4.16 -1.13 7.45
N VAL B 260 -4.21 -2.40 7.07
CA VAL B 260 -4.18 -2.78 5.65
C VAL B 260 -5.46 -2.37 4.95
N VAL B 261 -5.34 -1.56 3.93
CA VAL B 261 -6.45 -1.08 3.18
C VAL B 261 -6.42 -1.57 1.75
N GLY B 262 -7.33 -2.44 1.42
CA GLY B 262 -7.50 -3.01 0.11
C GLY B 262 -8.96 -3.18 -0.17
N SER B 263 -9.31 -4.05 -1.11
CA SER B 263 -10.72 -4.28 -1.35
C SER B 263 -11.30 -4.82 -0.08
N SER B 264 -10.48 -5.42 0.76
CA SER B 264 -10.89 -5.82 2.07
C SER B 264 -10.10 -4.92 3.01
N ILE B 265 -10.64 -4.66 4.18
CA ILE B 265 -10.08 -3.78 5.12
C ILE B 265 -9.61 -4.59 6.30
N GLY B 266 -8.32 -4.50 6.58
CA GLY B 266 -7.70 -5.03 7.80
C GLY B 266 -6.72 -6.06 7.38
N PRO B 267 -5.95 -6.58 8.30
CA PRO B 267 -5.99 -6.25 9.72
C PRO B 267 -5.35 -4.96 10.13
N SER B 268 -5.54 -4.60 11.38
CA SER B 268 -4.90 -3.43 11.93
C SER B 268 -3.64 -4.01 12.53
N LEU B 269 -2.60 -3.21 12.58
CA LEU B 269 -1.31 -3.72 13.01
C LEU B 269 -0.81 -3.31 14.36
N GLU B 270 -1.71 -2.90 15.22
CA GLU B 270 -1.32 -2.45 16.57
C GLU B 270 -0.52 -3.46 17.39
N SER B 271 -0.75 -4.75 17.17
CA SER B 271 0.06 -5.77 17.83
C SER B 271 1.53 -5.78 17.37
N LEU B 272 1.92 -5.04 16.32
CA LEU B 272 3.34 -5.01 15.87
C LEU B 272 4.09 -3.76 16.30
N LEU B 273 3.40 -2.84 17.02
CA LEU B 273 4.00 -1.63 17.58
C LEU B 273 4.84 -1.95 18.82
N ASP B 274 5.69 -1.04 19.27
CA ASP B 274 6.45 -1.30 20.49
C ASP B 274 5.56 -1.09 21.71
N GLU B 275 6.08 -1.39 22.89
CA GLU B 275 5.29 -1.38 24.10
C GLU B 275 4.66 -0.02 24.28
N LYS B 276 5.43 1.03 24.07
CA LYS B 276 4.95 2.37 24.32
C LYS B 276 3.77 2.76 23.40
N ASP B 277 3.93 2.51 22.12
CA ASP B 277 2.91 2.85 21.19
C ASP B 277 1.68 1.94 21.47
N ARG B 278 1.86 0.71 21.94
CA ARG B 278 0.68 -0.15 22.22
C ARG B 278 -0.07 0.32 23.46
N TRP B 279 0.66 0.71 24.49
CA TRP B 279 0.08 1.46 25.60
C TRP B 279 -0.71 2.64 25.16
N HIS B 280 -0.15 3.47 24.28
CA HIS B 280 -0.87 4.71 23.89
C HIS B 280 -2.18 4.35 23.17
N LEU B 281 -2.13 3.30 22.35
CA LEU B 281 -3.32 2.94 21.60
C LEU B 281 -4.38 2.34 22.52
N ASN B 282 -3.95 1.63 23.59
CA ASN B 282 -4.87 1.16 24.61
C ASN B 282 -5.54 2.28 25.40
N SER B 283 -4.80 3.35 25.75
CA SER B 283 -5.37 4.49 26.46
C SER B 283 -6.35 5.21 25.59
N ALA B 284 -6.02 5.38 24.29
CA ALA B 284 -6.93 6.02 23.37
C ALA B 284 -8.28 5.27 23.32
N MET B 285 -8.27 3.95 23.31
CA MET B 285 -9.51 3.17 23.37
C MET B 285 -10.36 3.48 24.58
N LYS B 286 -9.72 3.44 25.75
CA LYS B 286 -10.38 3.82 27.02
C LYS B 286 -10.91 5.24 26.99
N ASP B 287 -10.07 6.19 26.58
CA ASP B 287 -10.49 7.58 26.58
C ASP B 287 -11.63 7.82 25.60
N PHE B 288 -11.49 7.26 24.42
CA PHE B 288 -12.52 7.44 23.35
C PHE B 288 -13.86 6.87 23.88
N TYR B 289 -13.80 5.68 24.43
CA TYR B 289 -14.96 4.99 25.01
C TYR B 289 -15.71 5.89 26.00
N GLU B 290 -14.98 6.45 26.96
CA GLU B 290 -15.59 7.22 28.02
C GLU B 290 -16.17 8.45 27.39
N ALA B 291 -15.41 9.10 26.51
CA ALA B 291 -15.92 10.33 25.93
C ALA B 291 -17.11 10.10 25.01
N TYR B 292 -17.14 8.97 24.30
CA TYR B 292 -18.26 8.66 23.35
C TYR B 292 -19.58 8.39 24.12
N LYS B 293 -19.49 7.60 25.20
CA LYS B 293 -20.61 7.38 26.14
C LYS B 293 -21.16 8.71 26.67
N GLU B 294 -20.28 9.56 27.18
CA GLU B 294 -20.68 10.96 27.53
C GLU B 294 -21.38 11.72 26.41
N ASN B 295 -20.85 11.59 25.19
CA ASN B 295 -21.43 12.33 24.04
C ASN B 295 -22.79 11.79 23.63
N LEU B 296 -22.95 10.48 23.81
CA LEU B 296 -24.20 9.83 23.45
C LEU B 296 -25.30 10.31 24.40
N LYS B 297 -24.98 10.47 25.66
CA LYS B 297 -25.88 11.00 26.67
C LYS B 297 -26.27 12.41 26.30
N GLN B 298 -25.32 13.19 25.84
CA GLN B 298 -25.57 14.54 25.44
C GLN B 298 -26.54 14.56 24.26
N LEU B 299 -26.46 13.58 23.40
CA LEU B 299 -27.34 13.48 22.24
C LEU B 299 -28.74 13.12 22.67
N GLU B 300 -28.87 12.22 23.61
CA GLU B 300 -30.14 11.85 24.14
C GLU B 300 -30.78 13.10 24.73
N GLN B 301 -29.96 13.91 25.38
CA GLN B 301 -30.40 15.15 26.01
C GLN B 301 -30.79 16.27 25.11
N ALA B 302 -30.69 16.05 23.81
CA ALA B 302 -31.18 16.95 22.77
C ALA B 302 -32.55 16.47 22.35
N THR B 303 -32.60 15.23 21.85
CA THR B 303 -33.73 14.67 21.03
C THR B 303 -35.15 14.78 21.63
PA NAD C . 17.76 -12.82 -20.34
O1A NAD C . 18.71 -13.90 -20.86
O2A NAD C . 16.81 -12.03 -21.25
O5B NAD C . 18.70 -11.76 -19.61
C5B NAD C . 19.67 -12.07 -18.61
C4B NAD C . 20.59 -10.87 -18.64
O4B NAD C . 21.50 -11.02 -17.60
C3B NAD C . 21.34 -10.83 -19.97
O3B NAD C . 21.18 -9.58 -20.70
C2B NAD C . 22.75 -11.16 -19.56
O2B NAD C . 23.78 -10.44 -20.18
C1B NAD C . 22.75 -10.67 -18.15
N9A NAD C . 23.86 -11.26 -17.40
C8A NAD C . 24.21 -12.57 -17.27
N7A NAD C . 25.29 -12.61 -16.43
C5A NAD C . 25.62 -11.36 -16.03
C6A NAD C . 26.64 -10.72 -15.17
N6A NAD C . 27.54 -11.53 -14.56
N1A NAD C . 26.66 -9.35 -15.02
C2A NAD C . 25.72 -8.58 -15.68
N3A NAD C . 24.75 -9.05 -16.52
C4A NAD C . 24.67 -10.44 -16.69
O3 NAD C . 16.97 -13.34 -19.03
PN NAD C . 15.65 -12.61 -18.33
O1N NAD C . 14.42 -13.16 -19.02
O2N NAD C . 15.81 -11.12 -18.30
O5D NAD C . 15.86 -13.28 -16.87
C5D NAD C . 16.88 -12.88 -16.00
C4D NAD C . 16.71 -13.59 -14.68
O4D NAD C . 15.49 -13.17 -14.04
C3D NAD C . 16.60 -15.10 -14.80
O3D NAD C . 17.20 -15.74 -13.64
C2D NAD C . 15.08 -15.40 -14.78
O2D NAD C . 14.76 -16.75 -14.35
C1D NAD C . 14.64 -14.32 -13.79
N1N NAD C . 13.23 -13.84 -13.79
C2N NAD C . 12.62 -13.73 -12.57
C3N NAD C . 11.32 -13.26 -12.41
C7N NAD C . 10.77 -13.16 -11.03
O7N NAD C . 11.47 -13.09 -10.01
N7N NAD C . 9.47 -13.07 -10.91
C4N NAD C . 10.61 -12.92 -13.57
C5N NAD C . 11.25 -13.05 -14.83
C6N NAD C . 12.56 -13.52 -14.92
C1 MLT D . 8.08 -16.14 -13.05
O1 MLT D . 7.33 -16.52 -12.13
O2 MLT D . 7.72 -15.48 -14.06
C2 MLT D . 9.46 -16.75 -12.84
O3 MLT D . 10.13 -16.53 -11.62
C3 MLT D . 10.40 -16.72 -14.03
C4 MLT D . 10.47 -18.23 -14.29
O4 MLT D . 11.56 -18.87 -14.42
O5 MLT D . 9.36 -18.82 -14.30
C1 GOL E . 29.65 -15.90 4.93
O1 GOL E . 29.67 -15.33 6.24
C2 GOL E . 31.03 -16.01 4.31
O2 GOL E . 31.49 -14.69 3.99
C3 GOL E . 30.98 -16.83 3.02
O3 GOL E . 31.20 -18.22 3.30
C1 PGE F . 16.64 14.13 -11.08
O1 PGE F . 15.87 14.37 -9.88
C2 PGE F . 16.13 14.99 -12.22
O2 PGE F . 14.80 14.62 -12.53
C3 PGE F . 13.76 15.36 -11.85
C4 PGE F . 12.41 14.97 -12.44
O4 PGE F . 9.99 11.34 -13.65
C6 PGE F . 10.36 12.01 -12.43
C5 PGE F . 11.74 12.62 -12.59
O3 PGE F . 11.94 13.79 -11.77
C1 PGE G . -5.97 -9.51 3.01
C2 PGE G . -5.08 -8.41 3.66
O2 PGE G . -3.84 -9.10 3.94
C3 PGE G . -2.98 -8.73 5.03
C4 PGE G . -2.13 -9.94 5.42
O4 PGE G . -5.19 -12.54 7.81
C6 PGE G . -3.88 -11.98 8.02
C5 PGE G . -3.68 -10.87 7.00
O3 PGE G . -2.31 -10.51 6.76
C1 EDO H . 2.55 2.29 -15.96
O1 EDO H . 2.00 3.57 -15.90
C2 EDO H . 3.49 2.05 -14.80
O2 EDO H . 3.72 0.63 -14.81
O1 PG4 I . 16.80 9.78 -3.49
C1 PG4 I . 16.23 9.40 -2.16
C2 PG4 I . 14.71 9.14 -1.90
O2 PG4 I . 14.27 7.75 -1.99
C3 PG4 I . 13.75 6.98 -0.88
C4 PG4 I . 14.33 5.56 -0.96
O3 PG4 I . 14.35 4.85 0.27
C5 PG4 I . 15.20 3.70 0.27
C6 PG4 I . 16.18 3.75 1.45
O4 PG4 I . 17.43 3.24 1.01
C7 PG4 I . 18.66 3.81 1.51
C8 PG4 I . 19.45 4.49 0.35
O5 PG4 I . 20.30 5.62 0.67
C1 PG4 J . -14.07 -3.47 -7.78
C2 PG4 J . -14.73 -3.24 -6.43
O2 PG4 J . -13.86 -2.88 -5.34
C3 PG4 J . -14.58 -2.26 -4.26
C4 PG4 J . -14.42 -3.00 -2.93
O3 PG4 J . -15.47 -2.50 -2.06
C5 PG4 J . -16.10 -3.50 -1.21
C6 PG4 J . -17.55 -3.13 -0.99
O4 PG4 J . -18.53 -4.20 -1.13
C7 PG4 J . -19.91 -3.80 -1.49
C8 PG4 J . -20.31 -3.66 -2.97
O5 PG4 J . -21.44 -4.51 -3.24
C1 PEG K . -3.12 -26.90 12.53
O1 PEG K . -4.49 -26.45 12.50
C2 PEG K . -2.44 -26.57 11.20
O2 PEG K . -1.90 -27.74 10.56
C3 PEG K . -2.20 -27.76 9.14
C4 PEG K . -1.57 -28.93 8.39
O4 PEG K . -2.01 -28.82 7.02
PA NAD L . -18.98 22.74 4.10
O1A NAD L . -19.95 23.59 4.86
O2A NAD L . -18.12 23.38 2.98
O5B NAD L . -19.78 21.51 3.45
C5B NAD L . -20.74 20.71 4.15
C4B NAD L . -21.78 20.33 3.10
O4B NAD L . -22.56 19.32 3.72
C3B NAD L . -22.66 21.51 2.64
O3B NAD L . -22.75 21.59 1.18
C2B NAD L . -23.97 21.14 3.33
O2B NAD L . -25.13 21.42 2.57
C1B NAD L . -23.91 19.64 3.41
N9A NAD L . -24.88 19.00 4.34
C8A NAD L . -25.31 19.38 5.59
N7A NAD L . -26.23 18.50 5.99
C5A NAD L . -26.41 17.55 5.04
C6A NAD L . -27.22 16.32 4.80
N6A NAD L . -28.09 15.92 5.77
N1A NAD L . -27.09 15.59 3.61
C2A NAD L . -26.23 16.02 2.65
N3A NAD L . -25.46 17.15 2.81
C4A NAD L . -25.51 17.92 3.94
O3 NAD L . -18.05 21.97 5.21
PN NAD L . -16.67 21.23 4.69
O1N NAD L . -16.92 20.53 3.36
O2N NAD L . -15.47 22.12 4.76
O5D NAD L . -16.57 20.17 5.91
C5D NAD L . -17.56 19.12 5.97
C4D NAD L . -17.23 18.27 7.16
O4D NAD L . -15.97 17.62 6.90
C3D NAD L . -17.08 19.03 8.47
O3D NAD L . -17.66 18.29 9.54
C2D NAD L . -15.58 19.18 8.65
O2D NAD L . -15.08 19.30 10.00
C1D NAD L . -15.10 17.84 8.04
N1N NAD L . -13.73 17.73 7.52
C2N NAD L . -12.97 16.66 7.85
C3N NAD L . -11.68 16.48 7.33
C7N NAD L . -10.92 15.28 7.74
O7N NAD L . -11.52 14.28 8.21
N7N NAD L . -9.63 15.28 7.64
C4N NAD L . -11.16 17.46 6.48
C5N NAD L . -11.95 18.57 6.13
C6N NAD L . -13.24 18.70 6.65
C1 MLT M . -8.39 18.59 9.37
O1 MLT M . -7.52 17.99 9.97
O2 MLT M . -8.12 19.22 8.32
C2 MLT M . -9.72 18.56 10.14
O3 MLT M . -10.23 17.27 10.62
C3 MLT M . -10.81 19.53 9.67
C4 MLT M . -10.88 20.43 10.93
O4 MLT M . -9.76 20.45 11.52
O5 MLT M . -11.89 21.05 11.39
C1 GOL N . 0.50 4.89 -6.37
O1 GOL N . 1.69 4.53 -7.04
C2 GOL N . -0.15 3.56 -6.06
O2 GOL N . -0.61 3.54 -4.68
C3 GOL N . -1.11 3.67 -7.23
O3 GOL N . -2.26 4.40 -6.85
C1 PGE O . -24.83 -2.19 23.33
O1 PGE O . -24.74 -0.75 23.36
C2 PGE O . -25.78 -2.80 24.40
O2 PGE O . -25.27 -3.96 25.10
C3 PGE O . -24.87 -3.78 26.49
C4 PGE O . -24.01 -4.93 27.03
O4 PGE O . -20.15 -5.70 29.83
C6 PGE O . -21.40 -4.99 29.78
C5 PGE O . -22.08 -5.27 28.45
O3 PGE O . -23.31 -4.55 28.25
C1 PGE P . -13.94 -4.77 3.04
O1 PGE P . -14.52 -5.10 1.76
C2 PGE P . -13.68 -5.99 3.91
O2 PGE P . -13.60 -5.58 5.24
C3 PGE P . -14.61 -6.27 6.06
C4 PGE P . -16.02 -5.66 5.86
O4 PGE P . -17.24 -4.87 1.51
C6 PGE P . -18.03 -5.10 2.71
C5 PGE P . -17.33 -4.65 3.99
O3 PGE P . -16.61 -5.78 4.54
C1 PGE Q . -33.10 2.71 -6.67
C2 PGE Q . -33.69 1.46 -6.02
O2 PGE Q . -32.68 0.48 -5.63
C3 PGE Q . -32.74 -0.20 -4.34
C4 PGE Q . -34.11 -0.62 -3.74
O4 PGE Q . -36.09 2.31 -0.81
C6 PGE Q . -35.41 1.07 -0.59
C5 PGE Q . -35.53 0.19 -1.84
O3 PGE Q . -34.27 -0.35 -2.31
C1 EDO R . -3.24 1.95 29.79
O1 EDO R . -4.00 2.87 30.55
C2 EDO R . -4.21 0.98 29.17
O2 EDO R . -3.70 -0.37 29.15
C1 EDO S . 3.27 -0.43 10.25
O1 EDO S . 4.20 0.31 9.47
C2 EDO S . 3.66 -0.20 11.70
O2 EDO S . 3.88 -1.43 12.35
C1 EDO T . -4.78 13.58 -8.12
O1 EDO T . -4.04 12.76 -9.03
C2 EDO T . -5.41 12.79 -7.03
O2 EDO T . -5.37 11.37 -7.31
C1 PEG U . 2.75 26.70 11.71
C2 PEG U . 2.25 26.02 12.99
O2 PEG U . 3.16 26.26 14.08
C3 PEG U . 3.57 25.15 14.92
C4 PEG U . 5.05 24.73 14.73
O4 PEG U . 5.47 23.71 15.68
#